data_4C7W
#
_entry.id   4C7W
#
_cell.length_a   91.566
_cell.length_b   106.590
_cell.length_c   135.607
_cell.angle_alpha   90.00
_cell.angle_beta   90.00
_cell.angle_gamma   90.00
#
_symmetry.space_group_name_H-M   'P 21 21 21'
#
loop_
_entity.id
_entity.type
_entity.pdbx_description
1 polymer HEMAGGLUTININ-ESTERASE
2 branched 2-acetamido-2-deoxy-beta-D-glucopyranose-(1-4)-2-acetamido-2-deoxy-beta-D-glucopyranose
3 branched beta-D-mannopyranose-(1-4)-2-acetamido-2-deoxy-beta-D-glucopyranose-(1-4)-2-acetamido-2-deoxy-beta-D-glucopyranose
4 branched alpha-D-mannopyranose-(1-3)-[alpha-D-mannopyranose-(1-6)]alpha-D-mannopyranose-(1-6)-[alpha-D-mannopyranose-(1-3)]beta-D-mannopyranose-(1-4)-2-acetamido-2-deoxy-beta-D-glucopyranose-(1-4)-2-acetamido-2-deoxy-beta-D-glucopyranose
5 non-polymer 'methyl 4,9-di-O-acetyl-5-acetamido-3,5-dideoxy-D-glycero-alpha-D-galacto-non-2-ulopyranosidonic acid'
6 non-polymer 'POTASSIUM ION'
7 non-polymer 2-acetamido-2-deoxy-beta-D-glucopyranose
8 non-polymer GLYCEROL
9 water water
#
_entity_poly.entity_id   1
_entity_poly.type   'polypeptide(L)'
_entity_poly.pdbx_seq_one_letter_code
;FNEPLNIVSHLNDDWFLFGDARSDCTYVENNGHPKLDWLDLDPKLCNSGRISAKSGNSLFRSFHFIDFYNYSGEGDQVIF
YEGVNFSPSHGFKCLAYGDNKRWMGNKARFYARVYEKMAQYRSLSFVNVSYAYGGNAKPTSICKDKTLTLNNPTFISKES
NYVDYYYESEANFTLQGCDEFIVPLCVFNGHSKGSSSDPANKYYTDSQSYYNMDTGVLYGFNSTLDVGNTVQNPGLDLTC
RYLALTPGNYKAVSLEYLLSLPSKAICLRKPKSFMPVQVVDSRWNSTRQSDNMTAVACQLPYCFFRNTSADYSGGTHDVH
HGDFHFRQLLSGLLYNVSCIAQQGAFVYNNVSSSWPAYGYGHCPTAANIGYMAPVCIYDSDPLVPR
;
_entity_poly.pdbx_strand_id   A,B
#
# COMPACT_ATOMS: atom_id res chain seq x y z
N PHE A 1 27.09 -26.19 -0.19
CA PHE A 1 27.22 -25.65 -1.56
C PHE A 1 26.11 -24.62 -1.83
N ASN A 2 26.45 -23.55 -2.55
CA ASN A 2 25.50 -22.52 -2.95
C ASN A 2 24.77 -21.89 -1.75
N GLU A 3 25.54 -21.54 -0.72
CA GLU A 3 25.02 -20.83 0.45
C GLU A 3 24.59 -19.43 0.03
N PRO A 4 23.48 -18.92 0.60
CA PRO A 4 23.02 -17.59 0.22
C PRO A 4 24.04 -16.53 0.61
N LEU A 5 24.23 -15.52 -0.25
CA LEU A 5 25.26 -14.49 -0.06
C LEU A 5 24.60 -13.19 0.39
N ASN A 6 25.22 -12.51 1.34
CA ASN A 6 24.63 -11.32 1.93
C ASN A 6 25.04 -10.06 1.15
N ILE A 7 24.50 -9.92 -0.05
CA ILE A 7 24.86 -8.84 -0.95
C ILE A 7 23.67 -8.47 -1.82
N VAL A 8 23.67 -7.24 -2.30
CA VAL A 8 22.73 -6.84 -3.33
C VAL A 8 23.30 -7.34 -4.66
N SER A 9 22.43 -7.61 -5.61
CA SER A 9 22.86 -8.20 -6.88
C SER A 9 21.77 -8.03 -7.93
N HIS A 10 21.94 -8.74 -9.04
CA HIS A 10 20.96 -8.73 -10.11
C HIS A 10 20.87 -10.06 -10.85
N LEU A 11 19.73 -10.27 -11.47
CA LEU A 11 19.43 -11.51 -12.18
C LEU A 11 19.88 -11.42 -13.63
N ASN A 12 19.93 -10.20 -14.15
CA ASN A 12 20.31 -9.97 -15.52
C ASN A 12 20.79 -8.52 -15.60
N ASP A 13 20.90 -7.95 -16.80
CA ASP A 13 21.41 -6.59 -16.96
C ASP A 13 20.36 -5.49 -16.74
N ASP A 14 19.13 -5.88 -16.44
CA ASP A 14 18.03 -4.92 -16.29
C ASP A 14 17.92 -4.48 -14.81
N TRP A 15 18.93 -3.71 -14.39
CA TRP A 15 19.00 -3.23 -13.00
C TRP A 15 19.40 -1.79 -12.98
N PHE A 16 19.11 -1.12 -11.87
CA PHE A 16 19.51 0.26 -11.67
C PHE A 16 19.83 0.50 -10.19
N LEU A 17 20.85 1.32 -9.96
CA LEU A 17 21.34 1.63 -8.61
C LEU A 17 21.30 3.11 -8.35
N PHE A 18 20.54 3.48 -7.33
CA PHE A 18 20.56 4.82 -6.78
C PHE A 18 21.51 4.88 -5.58
N GLY A 19 22.40 5.86 -5.56
CA GLY A 19 23.40 5.95 -4.51
C GLY A 19 23.59 7.33 -3.94
N ASP A 20 24.28 7.39 -2.82
CA ASP A 20 24.84 8.66 -2.28
C ASP A 20 26.38 8.67 -2.19
N ALA A 21 27.03 7.97 -3.12
CA ALA A 21 28.50 8.04 -3.25
C ALA A 21 28.95 8.75 -4.56
N ARG A 22 30.25 8.70 -4.86
CA ARG A 22 30.79 9.38 -6.05
C ARG A 22 30.87 8.40 -7.23
N SER A 23 30.04 8.63 -8.24
CA SER A 23 29.77 7.62 -9.30
C SER A 23 30.75 7.64 -10.48
N ASP A 24 31.46 8.74 -10.64
CA ASP A 24 32.32 8.98 -11.82
C ASP A 24 33.63 8.19 -11.80
N CYS A 25 34.24 8.01 -12.98
CA CYS A 25 35.55 7.36 -13.12
C CYS A 25 36.66 8.34 -12.78
N THR A 26 36.89 8.54 -11.48
CA THR A 26 37.95 9.45 -11.02
C THR A 26 39.35 8.91 -11.29
N PRO A 34 47.28 4.68 -18.25
CA PRO A 34 48.29 4.02 -17.42
C PRO A 34 48.77 2.70 -18.04
N LYS A 35 50.04 2.67 -18.45
CA LYS A 35 50.65 1.48 -19.04
C LYS A 35 50.50 0.24 -18.14
N LEU A 36 50.50 0.48 -16.82
CA LEU A 36 50.27 -0.57 -15.84
C LEU A 36 48.84 -0.40 -15.34
N ASP A 37 47.94 -1.12 -16.00
CA ASP A 37 46.49 -0.96 -15.84
C ASP A 37 45.98 -1.27 -14.45
N TRP A 38 46.76 -2.01 -13.66
CA TRP A 38 46.34 -2.33 -12.28
C TRP A 38 46.52 -1.16 -11.30
N LEU A 39 46.95 -0.01 -11.79
CA LEU A 39 47.00 1.23 -11.01
C LEU A 39 45.69 2.03 -11.12
N ASP A 40 44.90 1.75 -12.15
CA ASP A 40 43.60 2.38 -12.33
C ASP A 40 42.60 1.67 -11.43
N LEU A 41 42.14 2.38 -10.39
CA LEU A 41 41.28 1.80 -9.35
C LEU A 41 39.80 2.07 -9.58
N ASP A 42 39.45 2.71 -10.70
CA ASP A 42 38.05 2.86 -11.03
C ASP A 42 37.48 1.47 -11.27
N PRO A 43 36.28 1.21 -10.71
CA PRO A 43 35.59 -0.02 -11.06
C PRO A 43 35.02 0.17 -12.45
N LYS A 44 34.83 -0.92 -13.19
CA LYS A 44 34.32 -0.82 -14.57
C LYS A 44 33.00 -0.10 -14.67
N LEU A 45 32.15 -0.24 -13.65
CA LEU A 45 30.79 0.30 -13.72
C LEU A 45 30.76 1.79 -13.42
N CYS A 46 31.87 2.37 -12.99
CA CYS A 46 31.96 3.83 -12.92
C CYS A 46 31.44 4.40 -14.24
N ASN A 47 30.68 5.49 -14.14
CA ASN A 47 30.07 6.16 -15.30
C ASN A 47 28.99 5.34 -15.99
N SER A 48 28.61 4.20 -15.40
CA SER A 48 27.59 3.35 -15.99
C SER A 48 26.25 4.08 -16.05
N GLY A 49 25.52 3.86 -17.15
CA GLY A 49 24.17 4.37 -17.30
C GLY A 49 23.14 3.64 -16.45
N ARG A 50 23.61 2.70 -15.62
CA ARG A 50 22.77 2.01 -14.66
C ARG A 50 22.93 2.56 -13.24
N ILE A 51 23.62 3.68 -13.11
CA ILE A 51 23.87 4.29 -11.82
C ILE A 51 23.51 5.79 -11.80
N SER A 52 22.78 6.21 -10.77
CA SER A 52 22.55 7.63 -10.51
C SER A 52 22.99 7.92 -9.07
N ALA A 53 24.05 8.70 -8.91
CA ALA A 53 24.67 8.88 -7.62
C ALA A 53 25.42 10.20 -7.55
N LYS A 54 25.30 10.88 -6.42
CA LYS A 54 25.97 12.16 -6.21
C LYS A 54 26.50 12.23 -4.80
N SER A 55 27.83 12.40 -4.69
CA SER A 55 28.48 12.49 -3.40
C SER A 55 27.89 13.63 -2.60
N GLY A 56 27.34 13.33 -1.44
CA GLY A 56 26.78 14.34 -0.53
C GLY A 56 25.30 14.59 -0.72
N ASN A 57 24.65 13.80 -1.57
CA ASN A 57 23.22 14.01 -1.81
C ASN A 57 22.48 12.72 -1.65
N SER A 58 21.16 12.78 -1.72
CA SER A 58 20.34 11.60 -1.64
C SER A 58 18.94 11.93 -2.13
N LEU A 59 18.18 10.90 -2.45
CA LEU A 59 16.83 11.10 -2.90
C LEU A 59 16.07 11.98 -1.93
N PHE A 60 16.28 11.74 -0.62
CA PHE A 60 15.55 12.46 0.43
C PHE A 60 15.97 13.92 0.48
N ARG A 61 17.26 14.18 0.44
CA ARG A 61 17.71 15.55 0.41
C ARG A 61 17.19 16.34 -0.80
N SER A 62 17.31 15.74 -1.98
CA SER A 62 16.89 16.41 -3.22
C SER A 62 15.38 16.60 -3.31
N PHE A 63 14.65 15.72 -2.66
CA PHE A 63 13.22 15.85 -2.53
C PHE A 63 12.77 16.98 -1.63
N HIS A 64 13.59 17.37 -0.65
CA HIS A 64 13.15 18.34 0.37
C HIS A 64 13.92 19.66 0.39
N PHE A 65 15.12 19.70 -0.14
CA PHE A 65 16.02 20.82 0.10
C PHE A 65 16.50 21.43 -1.20
N ILE A 66 17.17 22.57 -1.07
CA ILE A 66 17.57 23.39 -2.19
C ILE A 66 18.66 22.75 -3.00
N ASP A 67 19.63 22.10 -2.35
CA ASP A 67 20.73 21.47 -3.07
C ASP A 67 20.23 20.16 -3.71
N PHE A 68 19.58 20.38 -4.85
CA PHE A 68 18.95 19.35 -5.63
C PHE A 68 19.96 18.61 -6.51
N TYR A 69 19.82 17.29 -6.61
CA TYR A 69 20.48 16.51 -7.67
C TYR A 69 19.44 15.76 -8.46
N ASN A 70 19.52 15.83 -9.78
CA ASN A 70 18.47 15.32 -10.68
C ASN A 70 18.57 13.79 -10.83
N TYR A 71 18.16 13.06 -9.81
CA TYR A 71 18.19 11.61 -9.81
C TYR A 71 17.20 11.10 -10.85
N SER A 72 17.63 10.18 -11.70
CA SER A 72 16.70 9.50 -12.59
C SER A 72 17.24 8.13 -12.92
N GLY A 73 16.33 7.19 -13.15
CA GLY A 73 16.75 5.86 -13.52
C GLY A 73 15.59 4.93 -13.79
N GLU A 74 15.90 3.88 -14.54
CA GLU A 74 14.94 2.89 -14.97
C GLU A 74 15.58 1.52 -14.86
N GLY A 75 14.88 0.59 -14.22
CA GLY A 75 15.34 -0.79 -14.17
C GLY A 75 14.32 -1.73 -13.56
N ASP A 76 14.45 -3.02 -13.85
CA ASP A 76 13.54 -4.01 -13.28
C ASP A 76 13.91 -4.28 -11.82
N GLN A 77 15.19 -4.52 -11.57
CA GLN A 77 15.75 -4.76 -10.25
C GLN A 77 16.40 -3.48 -9.75
N VAL A 78 15.75 -2.77 -8.85
CA VAL A 78 16.26 -1.49 -8.39
C VAL A 78 17.02 -1.66 -7.07
N ILE A 79 18.17 -1.00 -6.97
CA ILE A 79 19.04 -1.14 -5.83
C ILE A 79 19.30 0.21 -5.23
N PHE A 80 19.35 0.29 -3.91
CA PHE A 80 19.70 1.54 -3.20
C PHE A 80 20.94 1.36 -2.32
N TYR A 81 21.89 2.28 -2.45
CA TYR A 81 23.04 2.33 -1.55
C TYR A 81 22.87 3.53 -0.64
N GLU A 82 22.70 3.28 0.65
CA GLU A 82 22.35 4.34 1.59
C GLU A 82 23.50 4.58 2.55
N GLY A 83 24.00 5.82 2.60
CA GLY A 83 25.14 6.13 3.47
C GLY A 83 25.37 7.59 3.82
N VAL A 84 26.62 7.86 4.24
CA VAL A 84 27.13 9.23 4.46
C VAL A 84 28.66 9.22 4.28
N HIS A 90 24.38 15.87 15.93
CA HIS A 90 23.92 16.80 14.89
C HIS A 90 22.92 16.16 13.92
N GLY A 91 22.07 17.00 13.33
CA GLY A 91 21.08 16.60 12.31
C GLY A 91 20.13 17.75 12.01
N PHE A 92 19.43 17.70 10.88
CA PHE A 92 18.59 18.80 10.45
C PHE A 92 17.37 19.03 11.34
N LYS A 93 17.01 20.30 11.54
CA LYS A 93 15.72 20.69 12.09
C LYS A 93 15.26 22.05 11.52
N CYS A 94 13.94 22.24 11.41
CA CYS A 94 13.39 23.44 10.76
C CYS A 94 13.66 24.71 11.53
N LEU A 95 13.73 24.60 12.86
CA LEU A 95 13.76 25.74 13.77
C LEU A 95 14.83 25.53 14.82
N ALA A 96 15.29 26.62 15.41
CA ALA A 96 16.39 26.61 16.37
C ALA A 96 16.12 25.65 17.53
N TYR A 97 14.86 25.58 17.97
CA TYR A 97 14.47 24.67 19.06
C TYR A 97 13.53 23.57 18.55
N GLY A 98 13.85 23.05 17.36
CA GLY A 98 13.09 21.98 16.75
C GLY A 98 13.46 20.62 17.32
N ASP A 99 13.21 19.59 16.54
CA ASP A 99 13.51 18.23 16.96
C ASP A 99 13.84 17.41 15.73
N ASN A 100 15.09 16.95 15.68
CA ASN A 100 15.58 16.15 14.56
C ASN A 100 14.90 14.78 14.48
N LYS A 101 14.28 14.31 15.56
CA LYS A 101 13.58 13.02 15.51
C LYS A 101 12.47 13.05 14.49
N ARG A 102 11.81 14.19 14.39
CA ARG A 102 10.74 14.37 13.43
C ARG A 102 11.30 14.17 12.03
N TRP A 103 12.53 14.63 11.82
CA TRP A 103 13.19 14.42 10.54
C TRP A 103 13.63 12.95 10.31
N MET A 104 14.02 12.27 11.37
N MET A 104 14.03 12.27 11.38
CA MET A 104 14.27 10.83 11.28
CA MET A 104 14.26 10.82 11.31
C MET A 104 12.99 10.09 10.90
C MET A 104 12.97 10.15 10.84
N GLY A 105 11.86 10.50 11.47
CA GLY A 105 10.57 9.96 11.11
C GLY A 105 10.18 10.25 9.69
N ASN A 106 10.36 11.49 9.24
CA ASN A 106 10.09 11.87 7.87
C ASN A 106 10.88 11.02 6.89
N LYS A 107 12.16 10.84 7.18
CA LYS A 107 13.04 10.04 6.34
C LYS A 107 12.57 8.57 6.27
N ALA A 108 12.26 7.97 7.41
CA ALA A 108 11.76 6.57 7.42
C ALA A 108 10.48 6.44 6.56
N ARG A 109 9.60 7.42 6.64
CA ARG A 109 8.34 7.33 5.93
C ARG A 109 8.50 7.60 4.44
N PHE A 110 9.43 8.49 4.07
CA PHE A 110 9.77 8.76 2.67
C PHE A 110 10.30 7.52 2.01
N TYR A 111 11.32 6.92 2.60
CA TYR A 111 11.94 5.76 1.98
C TYR A 111 11.02 4.56 2.03
N ALA A 112 10.19 4.43 3.05
CA ALA A 112 9.20 3.34 3.03
C ALA A 112 8.40 3.43 1.72
N ARG A 113 7.93 4.63 1.40
CA ARG A 113 7.11 4.84 0.22
C ARG A 113 7.89 4.68 -1.07
N VAL A 114 9.12 5.19 -1.10
CA VAL A 114 9.95 5.05 -2.30
C VAL A 114 10.28 3.58 -2.53
N TYR A 115 10.70 2.86 -1.50
CA TYR A 115 11.07 1.46 -1.63
C TYR A 115 9.88 0.62 -2.07
N GLU A 116 8.72 0.87 -1.47
CA GLU A 116 7.55 0.12 -1.82
C GLU A 116 7.15 0.30 -3.28
N LYS A 117 7.08 1.55 -3.72
CA LYS A 117 6.65 1.85 -5.07
C LYS A 117 7.66 1.48 -6.14
N MET A 118 8.94 1.44 -5.81
CA MET A 118 9.92 1.02 -6.80
C MET A 118 9.99 -0.50 -6.95
N ALA A 119 9.23 -1.22 -6.14
CA ALA A 119 9.03 -2.65 -6.40
C ALA A 119 7.98 -2.87 -7.53
N GLN A 120 7.28 -1.79 -7.90
CA GLN A 120 6.16 -1.84 -8.81
C GLN A 120 6.37 -1.08 -10.13
N TYR A 121 7.36 -0.18 -10.16
CA TYR A 121 7.63 0.66 -11.33
C TYR A 121 9.08 0.50 -11.77
N ARG A 122 9.34 0.65 -13.07
CA ARG A 122 10.69 0.57 -13.57
C ARG A 122 11.43 1.90 -13.35
N SER A 123 10.69 3.00 -13.47
CA SER A 123 11.28 4.29 -13.71
C SER A 123 11.01 5.29 -12.60
N LEU A 124 12.08 5.89 -12.10
CA LEU A 124 12.01 6.97 -11.12
C LEU A 124 12.65 8.22 -11.69
N SER A 125 12.02 9.35 -11.43
CA SER A 125 12.59 10.66 -11.71
C SER A 125 11.92 11.70 -10.82
N PHE A 126 12.44 12.94 -10.86
CA PHE A 126 11.85 14.08 -10.17
C PHE A 126 11.16 15.04 -11.16
N VAL A 127 10.05 15.62 -10.75
CA VAL A 127 9.46 16.70 -11.51
C VAL A 127 9.17 17.88 -10.61
N ASN A 128 9.24 19.08 -11.16
CA ASN A 128 8.89 20.29 -10.45
C ASN A 128 7.39 20.49 -10.54
N VAL A 129 6.77 20.88 -9.44
CA VAL A 129 5.33 21.08 -9.39
C VAL A 129 5.08 22.58 -9.35
N SER A 130 4.28 23.10 -10.28
CA SER A 130 3.89 24.50 -10.23
C SER A 130 2.49 24.63 -9.66
N TYR A 131 2.18 25.82 -9.16
CA TYR A 131 0.90 26.11 -8.51
C TYR A 131 0.26 27.40 -9.02
N ALA A 132 -1.06 27.50 -8.86
CA ALA A 132 -1.79 28.72 -9.17
C ALA A 132 -2.44 29.24 -7.90
N TYR A 133 -2.06 30.44 -7.49
CA TYR A 133 -2.47 31.02 -6.22
C TYR A 133 -3.01 32.42 -6.48
N GLY A 134 -4.24 32.68 -6.03
CA GLY A 134 -4.95 33.91 -6.38
C GLY A 134 -4.53 35.17 -5.66
N GLY A 135 -3.72 35.03 -4.61
CA GLY A 135 -3.30 36.18 -3.80
C GLY A 135 -1.97 36.79 -4.24
N ASN A 136 -1.53 37.81 -3.50
CA ASN A 136 -0.27 38.50 -3.77
C ASN A 136 0.93 37.94 -2.99
N ALA A 137 0.67 37.14 -1.95
CA ALA A 137 1.73 36.67 -1.06
C ALA A 137 2.65 35.68 -1.77
N LYS A 138 3.91 35.64 -1.36
CA LYS A 138 4.93 34.82 -2.01
C LYS A 138 5.49 33.74 -1.09
N PRO A 139 6.26 32.78 -1.64
CA PRO A 139 6.89 31.76 -0.81
C PRO A 139 7.81 32.35 0.26
N THR A 140 7.99 31.61 1.35
CA THR A 140 8.89 32.00 2.42
C THR A 140 9.63 30.76 2.95
N SER A 141 10.94 30.88 3.12
CA SER A 141 11.77 29.78 3.57
C SER A 141 11.69 29.64 5.09
N ILE A 142 10.54 29.23 5.59
CA ILE A 142 10.28 29.18 7.02
C ILE A 142 11.04 28.07 7.73
N CYS A 143 11.42 27.02 6.99
CA CYS A 143 12.09 25.85 7.57
C CYS A 143 13.53 25.74 7.05
N LYS A 144 14.50 25.98 7.92
CA LYS A 144 15.92 25.91 7.54
C LYS A 144 16.85 25.94 8.74
N ASP A 145 18.12 25.65 8.49
CA ASP A 145 19.15 25.82 9.49
C ASP A 145 20.47 26.23 8.79
N LYS A 146 21.59 26.10 9.48
CA LYS A 146 22.84 26.66 8.99
C LYS A 146 23.44 25.97 7.74
N THR A 147 23.03 24.75 7.44
CA THR A 147 23.62 24.02 6.31
C THR A 147 22.61 23.66 5.19
N LEU A 148 21.30 23.72 5.50
CA LEU A 148 20.26 23.30 4.59
C LEU A 148 19.01 24.17 4.70
N THR A 149 18.35 24.36 3.55
CA THR A 149 17.11 25.11 3.45
C THR A 149 16.07 24.27 2.74
N LEU A 150 14.90 24.14 3.35
CA LEU A 150 13.82 23.34 2.82
C LEU A 150 13.10 24.13 1.74
N ASN A 151 12.81 23.49 0.60
CA ASN A 151 11.93 24.06 -0.42
C ASN A 151 10.80 23.16 -0.89
N ASN A 152 10.65 21.98 -0.29
CA ASN A 152 9.53 21.12 -0.57
C ASN A 152 9.02 20.52 0.74
N PRO A 153 7.77 20.84 1.13
CA PRO A 153 6.78 21.63 0.43
C PRO A 153 7.03 23.12 0.53
N THR A 154 6.54 23.85 -0.47
CA THR A 154 6.58 25.30 -0.48
C THR A 154 5.60 25.85 0.55
N PHE A 155 5.95 26.97 1.19
CA PHE A 155 5.10 27.61 2.19
C PHE A 155 4.80 29.02 1.75
N ILE A 156 3.54 29.42 1.80
CA ILE A 156 3.14 30.71 1.29
C ILE A 156 2.84 31.67 2.43
N SER A 157 3.50 32.83 2.38
CA SER A 157 3.35 33.89 3.37
C SER A 157 1.91 34.32 3.59
N LYS A 158 1.70 35.00 4.72
CA LYS A 158 0.44 35.62 5.04
C LYS A 158 0.19 36.75 4.06
N GLU A 159 -1.07 36.91 3.64
CA GLU A 159 -1.47 38.11 2.88
C GLU A 159 -1.36 39.31 3.81
N SER A 160 -0.90 40.45 3.27
CA SER A 160 -0.62 41.64 4.09
C SER A 160 -1.81 42.15 4.90
N ASN A 161 -3.03 41.91 4.40
CA ASN A 161 -4.24 42.43 5.04
C ASN A 161 -4.83 41.54 6.15
N TYR A 162 -4.41 40.29 6.23
CA TYR A 162 -4.80 39.45 7.37
C TYR A 162 -4.00 39.86 8.60
N VAL A 163 -4.65 39.89 9.76
CA VAL A 163 -4.03 40.41 10.98
C VAL A 163 -3.42 39.28 11.82
N ASP A 164 -3.77 38.05 11.50
CA ASP A 164 -3.27 36.87 12.20
C ASP A 164 -3.28 35.65 11.27
N TYR A 165 -3.00 34.46 11.82
CA TYR A 165 -2.94 33.25 11.00
C TYR A 165 -4.20 32.37 11.07
N TYR A 166 -5.30 32.92 11.56
CA TYR A 166 -6.57 32.18 11.60
C TYR A 166 -7.34 32.39 10.30
N TYR A 167 -6.83 31.85 9.21
CA TYR A 167 -7.48 32.00 7.91
C TYR A 167 -7.42 30.72 7.09
N GLU A 168 -8.34 30.63 6.12
CA GLU A 168 -8.35 29.59 5.12
C GLU A 168 -7.60 30.13 3.89
N SER A 169 -6.90 29.24 3.18
CA SER A 169 -6.17 29.63 1.99
C SER A 169 -5.92 28.42 1.10
N GLU A 170 -6.03 28.61 -0.21
CA GLU A 170 -5.91 27.52 -1.16
C GLU A 170 -5.10 27.89 -2.40
N ALA A 171 -4.64 26.86 -3.09
CA ALA A 171 -3.95 27.01 -4.37
C ALA A 171 -4.16 25.73 -5.15
N ASN A 172 -4.06 25.83 -6.47
CA ASN A 172 -4.19 24.66 -7.33
C ASN A 172 -2.82 24.21 -7.76
N PHE A 173 -2.68 22.91 -7.94
CA PHE A 173 -1.53 22.34 -8.60
C PHE A 173 -2.00 21.13 -9.39
N THR A 174 -1.27 20.81 -10.45
CA THR A 174 -1.64 19.69 -11.27
C THR A 174 -0.50 18.70 -11.30
N LEU A 175 -0.84 17.42 -11.34
CA LEU A 175 0.15 16.36 -11.52
C LEU A 175 -0.19 15.64 -12.84
N GLN A 176 0.73 15.68 -13.79
CA GLN A 176 0.50 15.14 -15.14
C GLN A 176 1.75 14.43 -15.67
N GLY A 177 1.57 13.43 -16.51
CA GLY A 177 2.68 12.80 -17.24
C GLY A 177 3.28 11.54 -16.63
N CYS A 178 2.83 11.14 -15.45
CA CYS A 178 3.31 9.93 -14.78
C CYS A 178 2.14 9.09 -14.24
N ASP A 179 2.42 7.84 -13.90
CA ASP A 179 1.40 6.92 -13.39
C ASP A 179 1.02 7.25 -11.97
N GLU A 180 2.02 7.55 -11.15
CA GLU A 180 1.80 7.95 -9.78
C GLU A 180 2.89 8.93 -9.41
N PHE A 181 2.59 9.80 -8.47
CA PHE A 181 3.56 10.77 -7.95
C PHE A 181 3.63 10.61 -6.45
N ILE A 182 4.83 10.75 -5.88
CA ILE A 182 4.99 10.81 -4.42
C ILE A 182 5.20 12.26 -4.04
N VAL A 183 4.33 12.76 -3.18
CA VAL A 183 4.38 14.15 -2.73
C VAL A 183 4.33 14.17 -1.23
N PRO A 184 4.80 15.27 -0.59
CA PRO A 184 4.75 15.43 0.83
C PRO A 184 3.56 16.26 1.25
N LEU A 185 2.82 15.76 2.26
CA LEU A 185 1.76 16.49 2.92
C LEU A 185 2.22 16.71 4.37
N CYS A 186 2.56 17.95 4.72
CA CYS A 186 3.22 18.22 6.00
C CYS A 186 2.49 19.25 6.84
N VAL A 187 2.72 19.19 8.15
CA VAL A 187 2.34 20.27 9.05
C VAL A 187 3.41 20.49 10.07
N PHE A 188 3.50 21.72 10.57
CA PHE A 188 4.24 21.99 11.77
C PHE A 188 3.41 21.44 12.92
N ASN A 189 3.99 20.50 13.66
CA ASN A 189 3.23 19.75 14.65
C ASN A 189 3.59 20.27 16.03
N GLY A 190 2.71 21.09 16.57
CA GLY A 190 2.93 21.78 17.84
C GLY A 190 2.19 23.10 17.88
N HIS A 191 2.55 23.93 18.87
CA HIS A 191 2.02 25.27 18.98
C HIS A 191 2.80 26.21 18.08
N SER A 192 2.36 26.34 16.83
CA SER A 192 3.00 27.22 15.86
C SER A 192 2.81 28.68 16.24
N LYS A 193 3.84 29.49 16.00
CA LYS A 193 3.83 30.91 16.38
C LYS A 193 3.85 31.80 15.15
N GLY A 194 2.99 32.82 15.17
CA GLY A 194 2.89 33.79 14.07
C GLY A 194 4.01 34.82 14.13
N SER A 195 4.21 35.39 15.32
CA SER A 195 5.34 36.29 15.55
C SER A 195 5.70 36.36 17.04
N SER A 196 6.95 36.73 17.29
CA SER A 196 7.47 36.89 18.66
C SER A 196 6.87 38.11 19.38
N SER A 197 6.24 39.02 18.62
CA SER A 197 5.49 40.15 19.21
C SER A 197 4.23 39.69 19.95
N ASP A 198 3.73 38.51 19.59
CA ASP A 198 2.46 37.99 20.12
C ASP A 198 2.58 37.59 21.59
N PRO A 199 1.44 37.40 22.28
CA PRO A 199 1.45 36.82 23.62
C PRO A 199 1.88 35.35 23.65
N ALA A 200 2.31 34.87 24.82
CA ALA A 200 2.72 33.47 24.98
C ALA A 200 1.58 32.49 24.71
N ASN A 201 0.37 32.86 25.11
CA ASN A 201 -0.80 31.99 24.96
C ASN A 201 -1.48 32.08 23.58
N LYS A 202 -0.90 32.84 22.65
CA LYS A 202 -1.41 32.92 21.28
C LYS A 202 -0.60 32.05 20.33
N TYR A 203 -1.15 30.88 20.00
CA TYR A 203 -0.50 29.91 19.11
C TYR A 203 -1.47 29.43 18.03
N TYR A 204 -0.93 28.69 17.06
CA TYR A 204 -1.73 28.16 15.94
C TYR A 204 -1.62 26.64 15.82
N THR A 205 -2.64 26.05 15.19
CA THR A 205 -2.73 24.62 14.96
C THR A 205 -2.66 24.42 13.45
N ASP A 206 -1.47 24.14 12.92
CA ASP A 206 -1.30 24.02 11.49
C ASP A 206 -2.23 22.91 10.98
N SER A 207 -2.83 23.13 9.81
CA SER A 207 -3.80 22.19 9.22
C SER A 207 -3.63 22.24 7.71
N GLN A 208 -3.44 21.09 7.06
CA GLN A 208 -3.23 21.09 5.60
C GLN A 208 -3.91 19.91 4.96
N SER A 209 -4.44 20.12 3.76
CA SER A 209 -5.08 19.04 3.01
C SER A 209 -4.85 19.16 1.51
N TYR A 210 -4.79 18.02 0.82
CA TYR A 210 -4.80 18.01 -0.64
C TYR A 210 -6.08 17.36 -1.11
N TYR A 211 -6.67 17.94 -2.14
CA TYR A 211 -7.97 17.55 -2.64
C TYR A 211 -7.87 17.27 -4.13
N ASN A 212 -8.27 16.06 -4.52
CA ASN A 212 -8.42 15.76 -5.94
C ASN A 212 -9.72 16.36 -6.46
N MET A 213 -9.60 17.34 -7.36
CA MET A 213 -10.77 18.07 -7.83
C MET A 213 -11.72 17.20 -8.66
N ASP A 214 -11.21 16.13 -9.27
CA ASP A 214 -12.03 15.24 -10.09
C ASP A 214 -12.69 14.12 -9.28
N THR A 215 -11.90 13.44 -8.44
CA THR A 215 -12.40 12.28 -7.72
C THR A 215 -13.08 12.64 -6.40
N GLY A 216 -12.84 13.84 -5.89
CA GLY A 216 -13.42 14.26 -4.62
C GLY A 216 -12.76 13.68 -3.36
N VAL A 217 -11.62 13.04 -3.53
CA VAL A 217 -10.85 12.48 -2.42
C VAL A 217 -10.03 13.56 -1.74
N LEU A 218 -10.08 13.59 -0.41
CA LEU A 218 -9.32 14.54 0.40
C LEU A 218 -8.32 13.82 1.29
N TYR A 219 -7.06 14.27 1.26
CA TYR A 219 -6.05 13.80 2.19
C TYR A 219 -5.72 14.95 3.13
N GLY A 220 -6.07 14.80 4.41
CA GLY A 220 -5.86 15.87 5.39
C GLY A 220 -4.88 15.54 6.52
N PHE A 221 -4.40 16.58 7.20
CA PHE A 221 -3.43 16.43 8.28
C PHE A 221 -3.54 17.59 9.26
N ASN A 222 -3.91 17.31 10.50
CA ASN A 222 -3.93 18.34 11.53
C ASN A 222 -2.85 18.15 12.56
N SER A 223 -2.26 19.26 12.99
CA SER A 223 -1.30 19.30 14.10
C SER A 223 -2.01 18.85 15.37
N THR A 224 -1.33 18.07 16.20
CA THR A 224 -1.92 17.59 17.44
C THR A 224 -1.04 17.77 18.69
N LEU A 225 0.25 18.07 18.52
CA LEU A 225 1.17 18.18 19.67
C LEU A 225 1.07 19.54 20.34
N ASP A 226 1.76 19.67 21.48
CA ASP A 226 1.79 20.95 22.24
C ASP A 226 3.18 21.61 22.32
N VAL A 227 4.18 21.00 21.70
CA VAL A 227 5.56 21.51 21.71
C VAL A 227 5.68 22.82 20.98
N GLY A 228 6.70 23.61 21.30
CA GLY A 228 6.92 24.93 20.70
C GLY A 228 8.36 25.14 20.27
N ASN A 229 8.77 26.39 20.13
CA ASN A 229 10.12 26.77 19.67
C ASN A 229 10.83 27.66 20.69
N THR A 230 10.91 27.20 21.93
CA THR A 230 11.66 27.90 22.99
C THR A 230 12.42 26.91 23.84
N VAL A 231 13.39 27.40 24.60
CA VAL A 231 14.17 26.55 25.47
C VAL A 231 13.28 25.88 26.54
N GLN A 232 12.24 26.57 27.02
CA GLN A 232 11.33 26.01 28.02
C GLN A 232 10.43 24.94 27.43
N ASN A 233 9.94 25.18 26.21
CA ASN A 233 9.08 24.20 25.52
C ASN A 233 9.52 23.97 24.09
N PRO A 234 10.53 23.13 23.87
CA PRO A 234 11.04 22.88 22.53
C PRO A 234 10.33 21.71 21.83
N GLY A 235 10.61 21.54 20.54
CA GLY A 235 10.11 20.37 19.82
C GLY A 235 9.32 20.65 18.55
N LEU A 236 8.78 21.86 18.39
CA LEU A 236 8.02 22.20 17.20
C LEU A 236 8.87 21.96 15.96
N ASP A 237 8.33 21.18 15.01
CA ASP A 237 9.01 20.92 13.74
C ASP A 237 8.04 20.35 12.72
N LEU A 238 8.53 20.10 11.50
CA LEU A 238 7.68 19.66 10.38
C LEU A 238 7.48 18.16 10.40
N THR A 239 6.24 17.70 10.49
CA THR A 239 5.95 16.26 10.35
C THR A 239 5.30 16.04 8.97
N CYS A 240 5.89 15.14 8.17
CA CYS A 240 5.40 14.90 6.80
C CYS A 240 4.87 13.48 6.60
N ARG A 241 3.76 13.38 5.89
CA ARG A 241 3.28 12.13 5.34
C ARG A 241 3.65 12.16 3.87
N TYR A 242 3.92 10.99 3.29
CA TYR A 242 4.31 10.90 1.89
C TYR A 242 3.22 10.16 1.15
N LEU A 243 2.53 10.89 0.26
CA LEU A 243 1.37 10.36 -0.45
C LEU A 243 1.76 9.92 -1.85
N ALA A 244 1.25 8.76 -2.26
CA ALA A 244 1.32 8.30 -3.64
C ALA A 244 0.06 8.75 -4.36
N LEU A 245 0.16 9.77 -5.21
CA LEU A 245 -1.02 10.31 -5.88
C LEU A 245 -1.09 9.97 -7.37
N THR A 246 -2.28 9.66 -7.85
CA THR A 246 -2.52 9.56 -9.28
C THR A 246 -2.47 10.95 -9.94
N PRO A 247 -2.28 10.99 -11.26
CA PRO A 247 -2.34 12.27 -11.95
C PRO A 247 -3.71 12.92 -11.86
N GLY A 248 -3.73 14.25 -11.89
CA GLY A 248 -4.98 14.97 -11.99
C GLY A 248 -4.81 16.40 -11.54
N ASN A 249 -5.92 17.06 -11.28
CA ASN A 249 -5.87 18.43 -10.81
C ASN A 249 -6.23 18.47 -9.34
N TYR A 250 -5.38 19.12 -8.55
CA TYR A 250 -5.50 19.10 -7.12
C TYR A 250 -5.61 20.49 -6.56
N LYS A 251 -6.15 20.58 -5.36
CA LYS A 251 -6.24 21.83 -4.62
C LYS A 251 -5.68 21.62 -3.22
N ALA A 252 -4.71 22.45 -2.83
CA ALA A 252 -4.18 22.43 -1.48
C ALA A 252 -5.04 23.36 -0.65
N VAL A 253 -5.77 22.82 0.32
CA VAL A 253 -6.64 23.62 1.18
C VAL A 253 -6.10 23.67 2.61
N SER A 254 -5.77 24.88 3.06
CA SER A 254 -5.24 25.12 4.39
C SER A 254 -6.32 25.75 5.22
N LEU A 255 -6.67 25.13 6.35
CA LEU A 255 -7.68 25.69 7.22
C LEU A 255 -7.09 26.60 8.31
N GLU A 256 -5.76 26.51 8.51
CA GLU A 256 -5.08 27.37 9.47
C GLU A 256 -3.57 27.46 9.22
N TYR A 257 -2.98 28.60 9.57
CA TYR A 257 -1.54 28.82 9.46
C TYR A 257 -1.14 28.90 7.98
N LEU A 258 0.14 28.66 7.66
CA LEU A 258 0.63 28.90 6.30
C LEU A 258 0.21 27.78 5.35
N LEU A 259 -0.33 28.17 4.19
CA LEU A 259 -0.61 27.26 3.10
C LEU A 259 0.68 26.60 2.68
N SER A 260 0.69 25.26 2.63
CA SER A 260 1.79 24.53 2.02
C SER A 260 1.30 23.59 0.92
N LEU A 261 2.14 23.40 -0.09
CA LEU A 261 1.88 22.47 -1.16
C LEU A 261 3.18 21.95 -1.75
N PRO A 262 3.11 20.88 -2.55
CA PRO A 262 4.34 20.34 -3.12
C PRO A 262 4.96 21.26 -4.14
N SER A 263 6.27 21.32 -4.16
CA SER A 263 7.04 21.95 -5.21
C SER A 263 7.86 20.93 -6.01
N LYS A 264 7.92 19.70 -5.52
CA LYS A 264 8.68 18.64 -6.17
C LYS A 264 7.99 17.34 -5.88
N ALA A 265 8.01 16.44 -6.85
CA ALA A 265 7.36 15.15 -6.71
C ALA A 265 8.30 14.14 -7.31
N ILE A 266 8.26 12.93 -6.76
CA ILE A 266 8.89 11.82 -7.42
C ILE A 266 7.90 11.27 -8.44
N CYS A 267 8.29 11.26 -9.70
CA CYS A 267 7.52 10.69 -10.82
C CYS A 267 7.79 9.18 -10.97
N LEU A 268 6.74 8.37 -10.86
CA LEU A 268 6.80 6.92 -11.08
C LEU A 268 6.16 6.50 -12.42
N ARG A 269 6.92 5.76 -13.24
CA ARG A 269 6.44 5.34 -14.57
C ARG A 269 6.81 3.90 -14.91
N LYS A 270 6.09 3.34 -15.88
CA LYS A 270 6.40 2.05 -16.46
C LYS A 270 6.28 0.89 -15.47
N PRO A 271 5.04 0.47 -15.17
CA PRO A 271 4.74 -0.68 -14.28
C PRO A 271 5.48 -1.94 -14.66
N LYS A 272 5.93 -2.70 -13.67
CA LYS A 272 6.58 -3.98 -13.90
C LYS A 272 5.89 -5.06 -13.06
N SER A 273 6.13 -6.33 -13.36
CA SER A 273 5.81 -7.39 -12.40
C SER A 273 6.59 -7.18 -11.12
N PHE A 274 5.89 -7.28 -9.99
CA PHE A 274 6.39 -6.95 -8.68
C PHE A 274 7.77 -7.58 -8.51
N MET A 275 8.76 -6.73 -8.22
CA MET A 275 10.12 -7.16 -7.96
C MET A 275 10.70 -6.35 -6.79
N PRO A 276 10.96 -6.99 -5.65
CA PRO A 276 11.44 -6.23 -4.50
C PRO A 276 12.72 -5.47 -4.76
N VAL A 277 12.83 -4.29 -4.16
CA VAL A 277 14.04 -3.50 -4.23
C VAL A 277 15.04 -4.14 -3.28
N GLN A 278 16.32 -3.83 -3.46
CA GLN A 278 17.38 -4.27 -2.58
C GLN A 278 18.03 -3.03 -2.00
N VAL A 279 18.36 -3.04 -0.71
CA VAL A 279 18.97 -1.89 -0.04
C VAL A 279 20.15 -2.33 0.80
N VAL A 280 21.21 -1.52 0.80
CA VAL A 280 22.42 -1.78 1.56
C VAL A 280 22.97 -0.46 2.11
N ASP A 281 23.56 -0.49 3.31
CA ASP A 281 24.10 0.70 3.96
C ASP A 281 25.64 0.72 3.97
N SER A 282 26.22 1.91 4.17
CA SER A 282 27.61 2.01 4.60
C SER A 282 27.71 1.80 6.11
N ASP A 291 21.87 6.72 11.57
CA ASP A 291 20.50 6.30 11.82
C ASP A 291 20.22 4.99 11.10
N ASN A 292 19.19 4.26 11.55
CA ASN A 292 18.74 3.05 10.84
C ASN A 292 17.35 3.23 10.23
N MET A 293 17.05 4.45 9.79
CA MET A 293 15.77 4.74 9.17
C MET A 293 15.58 4.03 7.81
N THR A 294 16.67 3.74 7.10
CA THR A 294 16.55 2.97 5.86
C THR A 294 16.25 1.49 6.20
N ALA A 295 16.81 1.01 7.31
CA ALA A 295 16.49 -0.34 7.78
C ALA A 295 15.01 -0.48 8.16
N VAL A 296 14.49 0.43 8.98
CA VAL A 296 13.05 0.47 9.28
C VAL A 296 12.17 0.49 8.01
N ALA A 297 12.64 1.19 6.97
CA ALA A 297 11.86 1.42 5.75
C ALA A 297 11.80 0.20 4.83
N CYS A 298 12.76 -0.69 5.00
CA CYS A 298 12.96 -1.78 4.09
C CYS A 298 12.34 -3.05 4.68
N GLN A 299 11.11 -3.36 4.31
CA GLN A 299 10.40 -4.50 4.84
C GLN A 299 9.92 -5.38 3.71
N LEU A 300 9.75 -6.68 4.02
CA LEU A 300 9.02 -7.58 3.16
C LEU A 300 7.59 -7.07 3.05
N PRO A 301 6.94 -7.32 1.91
CA PRO A 301 7.41 -8.10 0.77
C PRO A 301 8.16 -7.25 -0.27
N TYR A 302 8.31 -5.95 -0.02
CA TYR A 302 8.74 -5.06 -1.09
C TYR A 302 10.22 -4.75 -1.11
N CYS A 303 10.97 -5.15 -0.09
CA CYS A 303 12.35 -4.76 0.01
C CYS A 303 13.19 -5.79 0.72
N PHE A 304 14.41 -6.07 0.22
CA PHE A 304 15.37 -6.93 0.92
C PHE A 304 16.50 -6.08 1.41
N PHE A 305 16.72 -6.05 2.72
CA PHE A 305 17.81 -5.30 3.32
C PHE A 305 19.03 -6.21 3.50
N ARG A 306 20.24 -5.71 3.16
CA ARG A 306 21.46 -6.50 3.29
C ARG A 306 22.47 -5.76 4.14
N ASN A 307 22.98 -6.41 5.18
CA ASN A 307 23.97 -5.77 6.07
C ASN A 307 25.39 -6.13 5.70
N THR A 308 25.76 -5.93 4.42
CA THR A 308 27.05 -6.37 3.88
C THR A 308 28.26 -5.74 4.56
N SER A 309 29.36 -6.50 4.62
CA SER A 309 30.60 -6.01 5.22
C SER A 309 31.82 -6.46 4.41
N ALA A 310 32.95 -5.79 4.65
CA ALA A 310 34.23 -6.14 4.00
C ALA A 310 34.78 -7.43 4.60
N PHE A 324 31.93 -0.56 4.55
CA PHE A 324 31.49 -0.99 3.23
C PHE A 324 31.37 0.21 2.30
N HIS A 325 32.37 0.36 1.44
CA HIS A 325 32.46 1.49 0.51
C HIS A 325 31.69 1.27 -0.79
N PHE A 326 31.21 2.38 -1.34
CA PHE A 326 30.52 2.38 -2.63
C PHE A 326 31.36 1.71 -3.72
N ARG A 327 32.67 1.86 -3.62
CA ARG A 327 33.61 1.29 -4.57
C ARG A 327 33.60 -0.24 -4.53
N GLN A 328 33.34 -0.80 -3.35
CA GLN A 328 33.23 -2.26 -3.20
C GLN A 328 31.90 -2.76 -3.72
N LEU A 329 30.88 -1.92 -3.62
CA LEU A 329 29.56 -2.26 -4.15
C LEU A 329 29.65 -2.47 -5.66
N LEU A 330 30.27 -1.49 -6.33
CA LEU A 330 30.40 -1.52 -7.79
C LEU A 330 31.05 -2.81 -8.30
N SER A 331 32.17 -3.20 -7.71
CA SER A 331 32.81 -4.47 -8.07
C SER A 331 31.88 -5.65 -7.84
N GLY A 332 31.13 -5.62 -6.75
CA GLY A 332 30.16 -6.67 -6.45
C GLY A 332 28.94 -6.73 -7.37
N LEU A 333 28.75 -5.71 -8.20
CA LEU A 333 27.64 -5.69 -9.19
C LEU A 333 28.03 -6.05 -10.64
N LEU A 334 29.21 -6.63 -10.85
CA LEU A 334 29.66 -6.96 -12.21
C LEU A 334 29.02 -8.24 -12.77
N TYR A 335 28.83 -9.25 -11.92
CA TYR A 335 28.34 -10.56 -12.35
C TYR A 335 26.91 -10.78 -11.91
N ASN A 336 26.15 -11.56 -12.65
CA ASN A 336 24.80 -11.95 -12.27
C ASN A 336 24.76 -13.03 -11.20
N VAL A 337 23.59 -13.22 -10.62
CA VAL A 337 23.29 -14.37 -9.76
C VAL A 337 22.02 -15.02 -10.30
N SER A 338 21.72 -16.23 -9.87
CA SER A 338 20.53 -16.93 -10.35
C SER A 338 19.26 -16.54 -9.61
N CYS A 339 19.38 -16.23 -8.33
CA CYS A 339 18.20 -16.07 -7.47
C CYS A 339 18.48 -15.03 -6.39
N ILE A 340 17.51 -14.17 -6.16
CA ILE A 340 17.55 -13.16 -5.11
C ILE A 340 16.41 -13.44 -4.14
N ALA A 341 16.72 -13.64 -2.86
CA ALA A 341 15.72 -14.10 -1.89
C ALA A 341 15.90 -13.41 -0.56
N GLN A 342 15.02 -13.69 0.40
CA GLN A 342 15.09 -13.09 1.72
C GLN A 342 16.47 -13.34 2.34
N GLN A 343 16.99 -14.55 2.23
CA GLN A 343 18.25 -14.85 2.91
C GLN A 343 19.48 -14.25 2.20
N GLY A 344 19.33 -13.91 0.92
CA GLY A 344 20.41 -13.37 0.15
C GLY A 344 20.39 -13.82 -1.30
N ALA A 345 21.56 -13.80 -1.91
CA ALA A 345 21.70 -14.13 -3.30
C ALA A 345 22.21 -15.55 -3.41
N PHE A 346 21.55 -16.36 -4.22
CA PHE A 346 22.09 -17.65 -4.59
C PHE A 346 22.75 -17.52 -5.96
N VAL A 347 24.05 -17.79 -6.04
CA VAL A 347 24.76 -17.76 -7.30
C VAL A 347 24.15 -18.80 -8.27
N TYR A 348 24.00 -20.04 -7.83
CA TYR A 348 23.59 -21.13 -8.71
C TYR A 348 22.09 -21.47 -8.58
N ASN A 349 21.54 -22.04 -9.65
CA ASN A 349 20.10 -22.19 -9.80
C ASN A 349 19.59 -23.60 -9.54
N ASN A 350 20.49 -24.53 -9.24
CA ASN A 350 20.10 -25.92 -9.13
C ASN A 350 19.80 -26.40 -7.70
N VAL A 351 20.82 -26.54 -6.86
CA VAL A 351 20.62 -27.04 -5.48
C VAL A 351 21.29 -26.15 -4.45
N SER A 352 20.79 -26.25 -3.23
CA SER A 352 21.34 -25.52 -2.08
C SER A 352 21.07 -26.28 -0.79
N SER A 353 21.83 -26.01 0.25
CA SER A 353 21.50 -26.52 1.57
C SER A 353 20.34 -25.74 2.23
N SER A 354 20.01 -24.55 1.73
CA SER A 354 18.89 -23.73 2.24
C SER A 354 17.74 -23.67 1.24
N TRP A 355 16.49 -23.66 1.72
CA TRP A 355 15.31 -23.37 0.90
C TRP A 355 15.15 -21.87 0.75
N PRO A 356 15.23 -21.36 -0.48
CA PRO A 356 14.97 -19.94 -0.70
C PRO A 356 13.57 -19.53 -0.24
N ALA A 357 13.47 -18.38 0.40
CA ALA A 357 12.18 -17.84 0.78
C ALA A 357 12.06 -16.51 0.05
N TYR A 358 10.85 -16.18 -0.40
CA TYR A 358 10.64 -14.99 -1.22
C TYR A 358 11.66 -14.91 -2.36
N GLY A 359 11.87 -16.03 -3.03
CA GLY A 359 12.83 -16.12 -4.14
C GLY A 359 12.29 -15.46 -5.40
N TYR A 360 13.19 -14.78 -6.13
CA TYR A 360 12.90 -14.23 -7.44
C TYR A 360 14.04 -14.67 -8.30
N GLY A 361 13.74 -15.06 -9.54
CA GLY A 361 14.73 -15.57 -10.48
C GLY A 361 14.56 -17.05 -10.72
N HIS A 362 15.68 -17.75 -10.85
CA HIS A 362 15.66 -19.21 -10.97
C HIS A 362 16.24 -19.81 -9.71
N CYS A 363 15.39 -20.24 -8.79
CA CYS A 363 15.87 -20.57 -7.45
C CYS A 363 16.14 -22.07 -7.25
N PRO A 364 17.24 -22.41 -6.55
CA PRO A 364 17.59 -23.82 -6.29
C PRO A 364 16.67 -24.51 -5.32
N THR A 365 16.67 -25.84 -5.34
CA THR A 365 15.98 -26.68 -4.35
C THR A 365 16.99 -27.09 -3.30
N ALA A 366 16.52 -27.32 -2.08
CA ALA A 366 17.31 -27.95 -1.03
C ALA A 366 16.92 -29.41 -0.81
N ALA A 367 16.00 -29.92 -1.64
CA ALA A 367 15.70 -31.36 -1.64
C ALA A 367 16.96 -32.11 -1.99
N ASN A 368 17.24 -33.21 -1.30
CA ASN A 368 18.36 -34.06 -1.72
C ASN A 368 17.92 -34.98 -2.86
N ILE A 369 18.79 -35.14 -3.83
CA ILE A 369 18.43 -35.76 -5.09
C ILE A 369 18.42 -37.30 -5.01
N GLY A 370 17.46 -37.93 -5.69
CA GLY A 370 17.33 -39.38 -5.67
C GLY A 370 18.59 -40.10 -6.13
N TYR A 371 18.95 -41.18 -5.43
CA TYR A 371 20.07 -42.00 -5.85
C TYR A 371 19.70 -42.76 -7.15
N MET A 372 18.51 -43.37 -7.17
CA MET A 372 18.09 -44.13 -8.36
C MET A 372 16.60 -44.14 -8.70
N ALA A 373 16.33 -44.34 -10.00
CA ALA A 373 14.97 -44.47 -10.55
C ALA A 373 14.95 -45.64 -11.54
N PRO A 374 13.75 -46.01 -12.05
CA PRO A 374 13.65 -47.16 -12.99
C PRO A 374 14.32 -46.97 -14.36
N VAL A 375 14.50 -45.72 -14.79
CA VAL A 375 15.27 -45.41 -16.02
C VAL A 375 16.74 -45.81 -15.91
N CYS A 376 17.23 -45.98 -14.68
CA CYS A 376 18.66 -46.15 -14.43
C CYS A 376 19.26 -47.49 -14.89
N ILE A 377 18.59 -48.60 -14.61
CA ILE A 377 19.15 -49.89 -14.97
C ILE A 377 18.85 -50.17 -16.44
N TYR A 378 19.77 -50.86 -17.10
CA TYR A 378 19.75 -51.05 -18.54
C TYR A 378 19.62 -52.53 -18.95
N ASP A 379 19.22 -53.38 -18.01
CA ASP A 379 19.05 -54.80 -18.26
C ASP A 379 18.29 -55.41 -17.10
N SER A 380 17.40 -56.35 -17.39
CA SER A 380 16.62 -57.02 -16.36
C SER A 380 17.44 -58.15 -15.77
N ASP A 381 17.58 -58.18 -14.45
CA ASP A 381 18.30 -59.25 -13.78
C ASP A 381 17.36 -60.43 -13.55
N PRO A 382 17.75 -61.63 -14.00
CA PRO A 382 16.85 -62.76 -13.82
C PRO A 382 16.43 -63.01 -12.36
N LEU A 383 17.32 -62.66 -11.42
CA LEU A 383 17.18 -63.05 -10.03
C LEU A 383 17.09 -61.90 -9.03
N VAL A 384 17.20 -60.65 -9.46
CA VAL A 384 17.07 -59.51 -8.52
C VAL A 384 15.90 -58.62 -8.92
N PRO A 385 15.12 -58.14 -7.94
CA PRO A 385 13.97 -57.31 -8.26
C PRO A 385 14.37 -55.87 -8.43
N ARG A 386 13.45 -55.03 -8.89
CA ARG A 386 13.70 -53.61 -9.04
C ARG A 386 12.57 -52.85 -8.37
N PHE B 1 7.06 -33.77 -15.65
CA PHE B 1 6.83 -34.16 -14.23
C PHE B 1 6.67 -32.93 -13.36
N ASN B 2 5.77 -33.02 -12.39
CA ASN B 2 5.57 -31.96 -11.42
C ASN B 2 5.22 -30.62 -12.08
N GLU B 3 4.31 -30.69 -13.07
CA GLU B 3 3.71 -29.50 -13.67
C GLU B 3 2.88 -28.79 -12.60
N PRO B 4 2.75 -27.46 -12.68
CA PRO B 4 1.94 -26.78 -11.71
C PRO B 4 0.46 -27.06 -11.93
N LEU B 5 -0.27 -27.24 -10.84
CA LEU B 5 -1.70 -27.59 -10.87
C LEU B 5 -2.52 -26.34 -10.62
N ASN B 6 -3.51 -26.10 -11.49
CA ASN B 6 -4.42 -24.97 -11.34
C ASN B 6 -5.48 -25.28 -10.28
N ILE B 7 -5.05 -25.28 -9.02
CA ILE B 7 -5.91 -25.60 -7.88
C ILE B 7 -5.56 -24.69 -6.71
N VAL B 8 -6.43 -24.59 -5.72
CA VAL B 8 -6.08 -23.98 -4.46
C VAL B 8 -5.70 -25.10 -3.53
N SER B 9 -4.80 -24.83 -2.58
CA SER B 9 -4.32 -25.84 -1.67
C SER B 9 -3.61 -25.20 -0.48
N HIS B 10 -2.84 -26.01 0.23
CA HIS B 10 -2.12 -25.54 1.39
C HIS B 10 -0.79 -26.25 1.53
N LEU B 11 0.13 -25.58 2.20
CA LEU B 11 1.45 -26.12 2.42
C LEU B 11 1.48 -27.01 3.65
N ASN B 12 0.45 -26.88 4.49
CA ASN B 12 0.37 -27.61 5.75
C ASN B 12 -1.04 -27.48 6.34
N ASP B 13 -1.22 -27.78 7.61
CA ASP B 13 -2.56 -27.71 8.21
C ASP B 13 -3.01 -26.29 8.56
N ASP B 14 -2.14 -25.30 8.39
CA ASP B 14 -2.40 -23.95 8.86
C ASP B 14 -3.06 -23.12 7.77
N TRP B 15 -4.29 -23.48 7.41
CA TRP B 15 -5.03 -22.80 6.36
C TRP B 15 -6.50 -22.59 6.73
N PHE B 16 -7.17 -21.73 5.98
CA PHE B 16 -8.59 -21.44 6.22
C PHE B 16 -9.30 -21.01 4.96
N LEU B 17 -10.59 -21.35 4.85
CA LEU B 17 -11.38 -21.05 3.67
C LEU B 17 -12.60 -20.24 4.06
N PHE B 18 -12.86 -19.17 3.32
CA PHE B 18 -14.11 -18.44 3.40
C PHE B 18 -14.88 -18.67 2.13
N GLY B 19 -16.20 -18.86 2.24
CA GLY B 19 -17.03 -19.12 1.07
C GLY B 19 -18.52 -19.02 1.28
N ASP B 20 -19.26 -19.76 0.45
CA ASP B 20 -20.73 -19.84 0.53
C ASP B 20 -21.17 -21.29 0.17
N ASP B 42 -16.17 -31.01 -0.75
CA ASP B 42 -16.13 -32.40 -0.33
C ASP B 42 -16.55 -32.52 1.14
N PRO B 43 -17.42 -33.50 1.46
CA PRO B 43 -17.87 -33.74 2.83
C PRO B 43 -16.75 -33.77 3.86
N LYS B 44 -15.63 -34.44 3.53
CA LYS B 44 -14.47 -34.58 4.43
C LYS B 44 -14.03 -33.27 5.09
N LEU B 45 -14.05 -32.19 4.33
CA LEU B 45 -13.55 -30.90 4.81
C LEU B 45 -14.49 -30.17 5.76
N CYS B 46 -15.79 -30.49 5.73
CA CYS B 46 -16.74 -29.81 6.62
C CYS B 46 -16.38 -30.07 8.10
N ASN B 47 -15.84 -31.25 8.38
CA ASN B 47 -15.38 -31.62 9.73
C ASN B 47 -14.03 -31.01 10.12
N SER B 48 -13.32 -30.40 9.16
CA SER B 48 -11.93 -29.94 9.36
C SER B 48 -11.79 -28.72 10.28
N GLY B 49 -12.88 -28.00 10.52
CA GLY B 49 -12.84 -26.81 11.36
C GLY B 49 -12.07 -25.66 10.74
N ARG B 50 -11.91 -25.71 9.42
CA ARG B 50 -11.14 -24.71 8.70
C ARG B 50 -11.95 -24.02 7.61
N ILE B 51 -13.28 -24.17 7.67
CA ILE B 51 -14.20 -23.45 6.79
C ILE B 51 -15.06 -22.48 7.60
N SER B 52 -15.31 -21.32 7.00
CA SER B 52 -16.38 -20.42 7.44
C SER B 52 -17.15 -20.04 6.19
N ALA B 53 -18.37 -20.57 6.06
CA ALA B 53 -19.19 -20.35 4.87
C ALA B 53 -20.67 -20.38 5.21
N LYS B 54 -21.44 -19.52 4.55
CA LYS B 54 -22.89 -19.52 4.67
C LYS B 54 -23.55 -19.28 3.31
N SER B 55 -24.24 -20.30 2.82
CA SER B 55 -25.00 -20.21 1.58
C SER B 55 -25.93 -18.99 1.57
N GLY B 56 -25.91 -18.26 0.46
CA GLY B 56 -26.73 -17.08 0.30
C GLY B 56 -26.06 -15.79 0.74
N ASN B 57 -24.86 -15.89 1.31
CA ASN B 57 -24.16 -14.74 1.86
C ASN B 57 -22.73 -14.58 1.30
N SER B 58 -22.07 -13.50 1.70
CA SER B 58 -20.66 -13.26 1.41
C SER B 58 -20.07 -12.28 2.44
N LEU B 59 -18.75 -12.10 2.40
CA LEU B 59 -18.09 -11.13 3.26
C LEU B 59 -18.59 -9.71 2.97
N PHE B 60 -18.65 -9.35 1.68
CA PHE B 60 -19.14 -8.05 1.25
C PHE B 60 -20.57 -7.83 1.70
N ARG B 61 -21.41 -8.85 1.52
CA ARG B 61 -22.81 -8.72 1.87
C ARG B 61 -23.00 -8.57 3.36
N SER B 62 -22.27 -9.36 4.14
CA SER B 62 -22.33 -9.24 5.58
C SER B 62 -21.73 -7.90 6.04
N PHE B 63 -20.76 -7.38 5.28
CA PHE B 63 -20.16 -6.09 5.62
C PHE B 63 -21.17 -4.95 5.53
N HIS B 64 -22.06 -4.99 4.55
CA HIS B 64 -22.92 -3.84 4.25
C HIS B 64 -24.40 -3.99 4.62
N PHE B 65 -24.91 -5.22 4.74
CA PHE B 65 -26.35 -5.44 4.83
C PHE B 65 -26.81 -6.16 6.09
N ILE B 66 -28.13 -6.17 6.30
CA ILE B 66 -28.76 -6.76 7.49
C ILE B 66 -28.70 -8.29 7.47
N ASP B 67 -28.70 -8.86 6.26
CA ASP B 67 -28.51 -10.29 6.06
C ASP B 67 -27.06 -10.65 6.42
N PHE B 68 -26.79 -10.72 7.71
CA PHE B 68 -25.45 -10.81 8.25
C PHE B 68 -25.12 -12.23 8.70
N TYR B 69 -24.00 -12.75 8.20
CA TYR B 69 -23.39 -13.95 8.74
C TYR B 69 -22.08 -13.58 9.44
N ASN B 70 -21.83 -14.22 10.58
CA ASN B 70 -20.71 -13.88 11.45
C ASN B 70 -19.46 -14.64 11.03
N TYR B 71 -18.96 -14.33 9.84
CA TYR B 71 -17.79 -14.99 9.28
C TYR B 71 -16.59 -14.82 10.20
N SER B 72 -15.78 -15.85 10.34
CA SER B 72 -14.65 -15.78 11.25
C SER B 72 -13.70 -16.94 11.00
N GLY B 73 -12.40 -16.64 10.98
CA GLY B 73 -11.40 -17.62 10.64
C GLY B 73 -9.97 -17.13 10.76
N GLU B 74 -9.08 -18.09 10.98
CA GLU B 74 -7.68 -17.83 11.22
C GLU B 74 -6.80 -18.86 10.52
N GLY B 75 -5.82 -18.36 9.76
CA GLY B 75 -4.83 -19.23 9.15
C GLY B 75 -3.71 -18.48 8.46
N ASP B 76 -2.60 -19.18 8.25
CA ASP B 76 -1.47 -18.65 7.48
C ASP B 76 -1.78 -18.58 5.98
N GLN B 77 -2.17 -19.72 5.38
CA GLN B 77 -2.63 -19.71 4.00
C GLN B 77 -4.15 -19.54 3.95
N VAL B 78 -4.62 -18.37 3.54
CA VAL B 78 -6.04 -18.09 3.51
C VAL B 78 -6.57 -18.21 2.08
N ILE B 79 -7.72 -18.88 1.94
CA ILE B 79 -8.39 -19.11 0.65
C ILE B 79 -9.80 -18.50 0.67
N PHE B 80 -10.21 -17.90 -0.44
CA PHE B 80 -11.57 -17.37 -0.60
C PHE B 80 -12.30 -18.04 -1.78
N TYR B 81 -13.54 -18.44 -1.55
CA TYR B 81 -14.40 -19.00 -2.60
C TYR B 81 -15.81 -18.41 -2.47
N GLU B 82 -15.95 -17.13 -2.78
CA GLU B 82 -17.24 -16.42 -2.66
C GLU B 82 -17.24 -15.00 -3.24
N GLY B 83 -18.44 -14.49 -3.46
CA GLY B 83 -18.67 -13.19 -4.10
C GLY B 83 -19.88 -13.22 -5.01
N VAL B 84 -20.17 -14.39 -5.59
CA VAL B 84 -21.34 -14.60 -6.45
C VAL B 84 -22.63 -14.12 -5.78
N ASN B 85 -22.74 -14.32 -4.46
CA ASN B 85 -23.92 -13.91 -3.70
C ASN B 85 -23.99 -12.40 -3.45
N PHE B 86 -23.25 -11.64 -4.26
CA PHE B 86 -23.60 -10.24 -4.53
C PHE B 86 -23.25 -9.88 -5.99
N SER B 87 -24.17 -10.23 -6.88
CA SER B 87 -23.96 -10.16 -8.32
C SER B 87 -24.55 -8.86 -8.92
N PRO B 88 -24.50 -8.72 -10.26
CA PRO B 88 -25.34 -7.73 -10.98
C PRO B 88 -26.69 -8.29 -11.50
N SER B 89 -26.85 -9.61 -11.52
CA SER B 89 -28.10 -10.25 -11.97
C SER B 89 -29.22 -10.11 -10.93
N HIS B 90 -28.85 -10.21 -9.65
CA HIS B 90 -29.72 -9.83 -8.53
C HIS B 90 -29.76 -8.30 -8.54
N GLY B 91 -28.57 -7.70 -8.45
CA GLY B 91 -28.40 -6.26 -8.73
C GLY B 91 -29.00 -5.35 -7.69
N PHE B 92 -28.18 -4.93 -6.72
CA PHE B 92 -28.60 -3.99 -5.69
C PHE B 92 -28.35 -2.54 -6.08
N LYS B 93 -29.29 -1.66 -5.73
CA LYS B 93 -29.07 -0.21 -5.75
C LYS B 93 -29.80 0.48 -4.59
N CYS B 94 -29.28 1.62 -4.14
CA CYS B 94 -29.83 2.33 -2.98
C CYS B 94 -31.17 3.00 -3.28
N LEU B 95 -31.33 3.44 -4.51
CA LEU B 95 -32.50 4.22 -4.91
C LEU B 95 -33.12 3.60 -6.16
N ALA B 96 -34.42 3.81 -6.34
CA ALA B 96 -35.14 3.23 -7.48
C ALA B 96 -34.44 3.52 -8.81
N TYR B 97 -33.91 4.73 -8.95
CA TYR B 97 -33.17 5.11 -10.16
C TYR B 97 -31.66 5.23 -9.89
N GLY B 98 -31.16 4.35 -9.02
CA GLY B 98 -29.73 4.28 -8.72
C GLY B 98 -28.94 3.50 -9.76
N ASP B 99 -27.83 2.89 -9.37
CA ASP B 99 -26.90 2.28 -10.33
C ASP B 99 -26.12 1.14 -9.69
N ASN B 100 -26.37 -0.08 -10.15
CA ASN B 100 -25.66 -1.26 -9.63
C ASN B 100 -24.17 -1.26 -9.92
N LYS B 101 -23.73 -0.58 -10.98
CA LYS B 101 -22.31 -0.53 -11.34
C LYS B 101 -21.47 0.21 -10.30
N ARG B 102 -22.10 1.17 -9.62
CA ARG B 102 -21.48 1.79 -8.47
C ARG B 102 -21.22 0.74 -7.40
N TRP B 103 -22.17 -0.18 -7.25
CA TRP B 103 -22.03 -1.26 -6.27
C TRP B 103 -21.04 -2.34 -6.69
N MET B 104 -20.93 -2.57 -8.01
N MET B 104 -20.90 -2.57 -7.99
CA MET B 104 -19.87 -3.42 -8.57
CA MET B 104 -19.85 -3.47 -8.46
C MET B 104 -18.51 -2.85 -8.17
C MET B 104 -18.47 -2.85 -8.18
N GLY B 105 -18.33 -1.55 -8.40
CA GLY B 105 -17.08 -0.86 -8.08
C GLY B 105 -16.76 -0.85 -6.61
N ASN B 106 -17.79 -0.67 -5.79
CA ASN B 106 -17.64 -0.83 -4.36
C ASN B 106 -17.11 -2.22 -4.03
N LYS B 107 -17.68 -3.23 -4.67
CA LYS B 107 -17.31 -4.62 -4.41
C LYS B 107 -15.83 -4.84 -4.69
N ALA B 108 -15.39 -4.41 -5.86
CA ALA B 108 -13.99 -4.53 -6.27
C ALA B 108 -13.03 -3.92 -5.25
N ARG B 109 -13.33 -2.69 -4.82
CA ARG B 109 -12.47 -1.97 -3.88
C ARG B 109 -12.43 -2.66 -2.53
N PHE B 110 -13.58 -3.13 -2.07
CA PHE B 110 -13.69 -3.90 -0.83
C PHE B 110 -12.83 -5.16 -0.82
N TYR B 111 -13.00 -6.00 -1.82
CA TYR B 111 -12.25 -7.25 -1.86
C TYR B 111 -10.74 -7.03 -2.11
N ALA B 112 -10.39 -5.98 -2.87
CA ALA B 112 -9.00 -5.57 -3.07
C ALA B 112 -8.29 -5.35 -1.73
N ARG B 113 -9.01 -4.74 -0.78
CA ARG B 113 -8.48 -4.39 0.52
C ARG B 113 -8.40 -5.60 1.46
N VAL B 114 -9.45 -6.42 1.43
CA VAL B 114 -9.47 -7.64 2.26
C VAL B 114 -8.43 -8.64 1.80
N TYR B 115 -8.26 -8.78 0.50
CA TYR B 115 -7.27 -9.71 -0.04
C TYR B 115 -5.85 -9.24 0.29
N GLU B 116 -5.56 -7.97 0.08
CA GLU B 116 -4.25 -7.44 0.35
C GLU B 116 -3.91 -7.54 1.84
N LYS B 117 -4.89 -7.28 2.70
CA LYS B 117 -4.63 -7.34 4.13
C LYS B 117 -4.55 -8.76 4.66
N MET B 118 -5.30 -9.70 4.08
CA MET B 118 -5.24 -11.09 4.56
C MET B 118 -3.98 -11.85 4.13
N ALA B 119 -3.13 -11.21 3.33
CA ALA B 119 -1.79 -11.71 3.04
C ALA B 119 -0.84 -11.35 4.18
N GLN B 120 -1.29 -10.48 5.07
CA GLN B 120 -0.45 -9.91 6.11
C GLN B 120 -0.92 -10.27 7.52
N TYR B 121 -2.14 -10.75 7.65
CA TYR B 121 -2.70 -11.14 8.96
C TYR B 121 -3.24 -12.55 8.95
N ARG B 122 -3.22 -13.22 10.09
CA ARG B 122 -3.78 -14.56 10.18
C ARG B 122 -5.31 -14.54 10.25
N SER B 123 -5.84 -13.65 11.08
CA SER B 123 -7.23 -13.72 11.50
C SER B 123 -8.14 -12.62 10.93
N LEU B 124 -9.32 -13.06 10.48
CA LEU B 124 -10.36 -12.18 9.96
C LEU B 124 -11.64 -12.42 10.74
N SER B 125 -12.34 -11.35 11.11
CA SER B 125 -13.62 -11.48 11.78
C SER B 125 -14.36 -10.16 11.69
N PHE B 126 -15.59 -10.12 12.20
CA PHE B 126 -16.38 -8.88 12.21
C PHE B 126 -16.50 -8.36 13.64
N VAL B 127 -16.51 -7.04 13.77
CA VAL B 127 -16.86 -6.40 15.03
C VAL B 127 -17.87 -5.33 14.74
N ASN B 128 -18.70 -5.04 15.74
CA ASN B 128 -19.71 -4.01 15.65
C ASN B 128 -19.12 -2.74 16.24
N VAL B 129 -19.30 -1.61 15.54
CA VAL B 129 -18.74 -0.32 15.94
C VAL B 129 -19.83 0.58 16.50
N SER B 130 -19.66 1.06 17.73
CA SER B 130 -20.60 2.01 18.32
C SER B 130 -20.07 3.45 18.27
N TYR B 131 -20.98 4.40 18.47
CA TYR B 131 -20.68 5.83 18.37
C TYR B 131 -21.36 6.64 19.46
N ALA B 132 -20.86 7.86 19.66
CA ALA B 132 -21.51 8.84 20.51
C ALA B 132 -21.91 10.03 19.63
N TYR B 133 -23.17 10.41 19.71
CA TYR B 133 -23.73 11.52 18.94
C TYR B 133 -24.53 12.46 19.87
N GLY B 134 -24.31 13.76 19.74
CA GLY B 134 -24.85 14.75 20.67
C GLY B 134 -26.35 15.05 20.53
N GLY B 135 -26.85 14.99 19.31
CA GLY B 135 -28.26 15.29 19.04
C GLY B 135 -29.23 14.17 19.37
N ASN B 136 -30.52 14.45 19.15
CA ASN B 136 -31.60 13.49 19.37
C ASN B 136 -31.97 12.69 18.10
N ALA B 137 -31.45 13.06 16.95
CA ALA B 137 -31.75 12.35 15.70
C ALA B 137 -31.13 10.96 15.66
N LYS B 138 -31.70 10.09 14.83
CA LYS B 138 -31.37 8.66 14.82
C LYS B 138 -31.19 8.07 13.40
N PRO B 139 -30.62 6.84 13.31
CA PRO B 139 -30.46 6.08 12.07
C PRO B 139 -31.67 6.07 11.14
N THR B 140 -31.40 6.14 9.84
CA THR B 140 -32.44 6.05 8.81
C THR B 140 -31.94 5.12 7.70
N SER B 141 -32.75 4.13 7.36
CA SER B 141 -32.36 3.12 6.36
C SER B 141 -32.56 3.64 4.94
N ILE B 142 -31.89 4.76 4.64
CA ILE B 142 -32.05 5.49 3.39
C ILE B 142 -31.68 4.68 2.16
N CYS B 143 -30.71 3.77 2.30
CA CYS B 143 -30.26 2.95 1.18
C CYS B 143 -30.81 1.53 1.33
N LYS B 144 -31.76 1.18 0.45
CA LYS B 144 -32.37 -0.15 0.43
C LYS B 144 -33.11 -0.38 -0.89
N ASP B 145 -33.15 -1.62 -1.35
CA ASP B 145 -34.06 -2.01 -2.44
C ASP B 145 -35.17 -2.93 -1.86
N LYS B 146 -35.92 -3.61 -2.71
CA LYS B 146 -37.07 -4.39 -2.25
C LYS B 146 -36.69 -5.70 -1.53
N THR B 147 -35.43 -6.11 -1.59
CA THR B 147 -34.99 -7.37 -0.96
C THR B 147 -33.67 -7.27 -0.17
N LEU B 148 -33.17 -6.05 0.05
CA LEU B 148 -31.93 -5.82 0.80
C LEU B 148 -31.93 -4.43 1.42
N THR B 149 -31.49 -4.37 2.67
CA THR B 149 -31.39 -3.12 3.40
C THR B 149 -29.94 -2.96 3.87
N LEU B 150 -29.37 -1.78 3.65
CA LEU B 150 -28.00 -1.52 4.06
C LEU B 150 -27.99 -0.92 5.45
N ASN B 151 -27.08 -1.39 6.29
CA ASN B 151 -26.88 -0.87 7.66
C ASN B 151 -25.44 -0.46 7.97
N ASN B 152 -24.53 -0.65 7.02
CA ASN B 152 -23.16 -0.16 7.15
C ASN B 152 -22.73 0.51 5.85
N PRO B 153 -22.41 1.82 5.91
CA PRO B 153 -22.41 2.68 7.08
C PRO B 153 -23.81 3.04 7.56
N THR B 154 -23.93 3.39 8.83
CA THR B 154 -25.16 3.93 9.37
C THR B 154 -25.28 5.39 8.91
N PHE B 155 -26.51 5.82 8.65
CA PHE B 155 -26.79 7.20 8.30
C PHE B 155 -27.68 7.81 9.36
N ILE B 156 -27.26 8.97 9.88
CA ILE B 156 -27.99 9.68 10.93
C ILE B 156 -28.81 10.83 10.34
N SER B 157 -30.11 10.81 10.58
CA SER B 157 -31.03 11.80 10.00
C SER B 157 -30.81 13.16 10.64
N LYS B 158 -31.30 14.22 9.98
CA LYS B 158 -31.06 15.58 10.45
C LYS B 158 -31.89 15.88 11.68
N GLU B 159 -31.45 16.88 12.45
CA GLU B 159 -32.19 17.32 13.63
C GLU B 159 -33.44 18.07 13.17
N SER B 160 -34.55 17.86 13.87
CA SER B 160 -35.83 18.50 13.51
C SER B 160 -35.72 20.03 13.40
N ASN B 161 -34.76 20.63 14.13
CA ASN B 161 -34.56 22.08 14.10
C ASN B 161 -33.94 22.65 12.80
N TYR B 162 -33.34 21.79 11.98
CA TYR B 162 -32.76 22.22 10.70
C TYR B 162 -33.79 22.09 9.58
N VAL B 163 -33.94 23.15 8.79
CA VAL B 163 -34.88 23.14 7.66
C VAL B 163 -34.20 22.70 6.36
N ASP B 164 -32.92 23.02 6.22
CA ASP B 164 -32.11 22.57 5.07
C ASP B 164 -31.05 21.56 5.51
N TYR B 165 -30.33 21.00 4.53
CA TYR B 165 -29.27 20.02 4.77
C TYR B 165 -27.86 20.61 4.58
N TYR B 166 -27.75 21.93 4.58
CA TYR B 166 -26.45 22.59 4.54
C TYR B 166 -25.92 22.79 5.97
N TYR B 167 -25.59 21.70 6.64
CA TYR B 167 -25.06 21.76 8.00
C TYR B 167 -23.83 20.88 8.20
N GLU B 168 -23.11 21.17 9.29
CA GLU B 168 -22.01 20.34 9.75
C GLU B 168 -22.52 19.45 10.89
N SER B 169 -22.51 18.14 10.65
CA SER B 169 -22.82 17.16 11.70
C SER B 169 -21.60 16.30 11.98
N GLU B 170 -21.53 15.72 13.18
CA GLU B 170 -20.40 14.90 13.59
C GLU B 170 -20.73 13.92 14.71
N ALA B 171 -19.98 12.83 14.78
CA ALA B 171 -20.08 11.86 15.87
C ALA B 171 -18.70 11.23 16.12
N ASN B 172 -18.47 10.81 17.36
CA ASN B 172 -17.25 10.10 17.72
C ASN B 172 -17.47 8.60 17.54
N PHE B 173 -16.40 7.87 17.24
CA PHE B 173 -16.45 6.41 17.31
C PHE B 173 -15.06 5.87 17.59
N THR B 174 -15.00 4.80 18.38
CA THR B 174 -13.73 4.20 18.78
C THR B 174 -13.60 2.84 18.11
N LEU B 175 -12.37 2.51 17.69
CA LEU B 175 -12.04 1.24 17.08
C LEU B 175 -11.06 0.51 17.98
N GLN B 176 -11.50 -0.60 18.56
CA GLN B 176 -10.69 -1.29 19.54
C GLN B 176 -10.79 -2.80 19.38
N GLY B 177 -9.76 -3.50 19.83
CA GLY B 177 -9.75 -4.97 19.86
C GLY B 177 -9.15 -5.68 18.66
N CYS B 178 -8.56 -4.94 17.72
CA CYS B 178 -7.97 -5.53 16.50
C CYS B 178 -6.70 -4.76 16.16
N ASP B 179 -5.85 -5.32 15.31
CA ASP B 179 -4.61 -4.61 14.91
C ASP B 179 -4.91 -3.59 13.81
N GLU B 180 -5.79 -3.96 12.89
CA GLU B 180 -6.34 -3.03 11.92
C GLU B 180 -7.83 -3.31 11.67
N PHE B 181 -8.50 -2.31 11.13
CA PHE B 181 -9.94 -2.36 10.88
C PHE B 181 -10.22 -1.90 9.48
N ILE B 182 -11.03 -2.64 8.72
CA ILE B 182 -11.51 -2.14 7.43
C ILE B 182 -12.91 -1.54 7.63
N VAL B 183 -13.07 -0.27 7.25
CA VAL B 183 -14.34 0.42 7.38
C VAL B 183 -14.67 1.18 6.09
N PRO B 184 -15.98 1.34 5.80
CA PRO B 184 -16.38 2.11 4.61
C PRO B 184 -16.43 3.61 4.86
N LEU B 185 -15.94 4.38 3.90
CA LEU B 185 -16.12 5.83 3.88
C LEU B 185 -16.83 6.10 2.57
N CYS B 186 -18.07 6.59 2.66
CA CYS B 186 -18.96 6.68 1.51
C CYS B 186 -19.65 8.02 1.39
N VAL B 187 -20.06 8.34 0.17
CA VAL B 187 -20.96 9.46 -0.07
C VAL B 187 -21.96 9.07 -1.16
N PHE B 188 -23.12 9.71 -1.16
CA PHE B 188 -24.00 9.64 -2.31
C PHE B 188 -23.35 10.54 -3.36
N ASN B 189 -23.12 9.99 -4.55
CA ASN B 189 -22.34 10.71 -5.56
C ASN B 189 -23.27 11.20 -6.65
N GLY B 190 -23.66 12.46 -6.54
CA GLY B 190 -24.61 13.07 -7.46
C GLY B 190 -25.26 14.30 -6.86
N HIS B 191 -26.37 14.70 -7.46
CA HIS B 191 -27.22 15.76 -6.91
C HIS B 191 -28.21 15.14 -5.93
N SER B 192 -27.76 14.96 -4.69
CA SER B 192 -28.57 14.33 -3.64
C SER B 192 -29.74 15.21 -3.20
N LYS B 193 -30.91 14.60 -3.06
CA LYS B 193 -32.15 15.30 -2.72
C LYS B 193 -32.57 15.03 -1.28
N GLY B 194 -33.22 16.03 -0.66
CA GLY B 194 -33.68 15.92 0.73
C GLY B 194 -35.15 15.56 0.83
N SER B 195 -36.01 16.32 0.15
CA SER B 195 -37.43 16.01 0.07
C SER B 195 -38.02 16.40 -1.28
N SER B 196 -39.00 15.64 -1.74
CA SER B 196 -39.69 15.92 -3.00
C SER B 196 -40.24 17.36 -3.02
N SER B 197 -40.71 17.84 -1.85
CA SER B 197 -41.22 19.21 -1.70
C SER B 197 -40.22 20.32 -2.08
N ASP B 198 -38.92 20.03 -2.00
CA ASP B 198 -37.89 20.96 -2.50
C ASP B 198 -38.05 21.12 -4.00
N PRO B 199 -37.73 22.32 -4.53
CA PRO B 199 -37.76 22.48 -5.99
C PRO B 199 -36.69 21.64 -6.68
N ALA B 200 -36.89 21.37 -7.97
CA ALA B 200 -35.93 20.59 -8.77
C ALA B 200 -34.51 21.15 -8.65
N ASN B 201 -34.40 22.47 -8.79
CA ASN B 201 -33.09 23.18 -8.75
C ASN B 201 -32.35 23.10 -7.41
N LYS B 202 -33.05 22.79 -6.31
CA LYS B 202 -32.41 22.64 -5.00
C LYS B 202 -31.85 21.23 -4.86
N TYR B 203 -30.59 21.13 -4.43
CA TYR B 203 -29.91 19.84 -4.29
C TYR B 203 -28.71 19.91 -3.35
N TYR B 204 -28.15 18.76 -3.01
CA TYR B 204 -27.03 18.70 -2.07
C TYR B 204 -25.83 17.93 -2.61
N THR B 205 -24.65 18.35 -2.14
CA THR B 205 -23.37 17.71 -2.46
C THR B 205 -22.82 17.06 -1.21
N ASP B 206 -22.91 15.73 -1.14
CA ASP B 206 -22.58 14.97 0.06
C ASP B 206 -21.07 14.97 0.34
N SER B 207 -20.71 15.19 1.61
CA SER B 207 -19.33 15.31 2.05
C SER B 207 -19.16 14.57 3.38
N GLN B 208 -18.27 13.57 3.41
CA GLN B 208 -18.01 12.78 4.63
C GLN B 208 -16.51 12.67 4.87
N SER B 209 -16.12 12.64 6.14
CA SER B 209 -14.72 12.42 6.48
C SER B 209 -14.58 11.70 7.80
N TYR B 210 -13.47 10.98 7.97
CA TYR B 210 -13.11 10.37 9.25
C TYR B 210 -11.77 10.92 9.71
N TYR B 211 -11.70 11.25 11.00
CA TYR B 211 -10.54 11.90 11.58
C TYR B 211 -10.04 11.12 12.77
N ASN B 212 -8.76 10.79 12.73
CA ASN B 212 -8.10 10.12 13.83
C ASN B 212 -7.65 11.18 14.82
N MET B 213 -8.33 11.22 15.96
CA MET B 213 -8.06 12.23 16.98
C MET B 213 -6.70 12.05 17.67
N ASP B 214 -6.13 10.85 17.62
CA ASP B 214 -4.81 10.62 18.19
C ASP B 214 -3.68 11.09 17.25
N THR B 215 -3.83 10.84 15.94
CA THR B 215 -2.75 11.08 14.98
C THR B 215 -2.87 12.40 14.23
N GLY B 216 -4.10 12.85 14.01
CA GLY B 216 -4.34 14.09 13.28
C GLY B 216 -4.54 13.87 11.78
N VAL B 217 -4.66 12.61 11.36
CA VAL B 217 -4.83 12.27 9.96
C VAL B 217 -6.31 12.30 9.62
N LEU B 218 -6.65 12.93 8.49
CA LEU B 218 -8.05 13.06 8.06
C LEU B 218 -8.24 12.40 6.70
N TYR B 219 -9.27 11.57 6.58
CA TYR B 219 -9.68 10.98 5.30
C TYR B 219 -11.02 11.58 4.91
N GLY B 220 -11.08 12.22 3.74
CA GLY B 220 -12.31 12.89 3.27
C GLY B 220 -12.79 12.42 1.90
N PHE B 221 -14.07 12.66 1.61
CA PHE B 221 -14.70 12.25 0.37
C PHE B 221 -15.86 13.16 -0.01
N ASN B 222 -15.71 13.91 -1.10
CA ASN B 222 -16.81 14.71 -1.62
C ASN B 222 -17.41 14.11 -2.88
N SER B 223 -18.76 14.13 -2.96
CA SER B 223 -19.49 13.88 -4.20
C SER B 223 -18.98 14.80 -5.31
N THR B 224 -18.82 14.27 -6.52
CA THR B 224 -18.45 15.13 -7.66
C THR B 224 -19.35 15.00 -8.90
N LEU B 225 -20.29 14.06 -8.87
CA LEU B 225 -21.18 13.82 -10.00
C LEU B 225 -22.42 14.72 -9.92
N ASP B 226 -23.13 14.86 -11.04
CA ASP B 226 -24.37 15.68 -11.07
C ASP B 226 -25.64 14.87 -11.35
N VAL B 227 -25.50 13.55 -11.40
CA VAL B 227 -26.63 12.62 -11.61
C VAL B 227 -27.62 12.67 -10.44
N GLY B 228 -28.83 12.14 -10.65
CA GLY B 228 -29.90 12.22 -9.64
C GLY B 228 -30.75 10.97 -9.47
N ASN B 229 -31.91 11.13 -8.84
CA ASN B 229 -32.86 10.03 -8.65
C ASN B 229 -34.22 10.39 -9.29
N THR B 230 -34.18 10.65 -10.59
CA THR B 230 -35.37 10.77 -11.44
C THR B 230 -35.13 9.95 -12.70
N VAL B 231 -36.20 9.50 -13.34
CA VAL B 231 -36.10 8.84 -14.66
C VAL B 231 -35.37 9.72 -15.68
N GLN B 232 -35.59 11.05 -15.60
CA GLN B 232 -34.94 12.04 -16.46
C GLN B 232 -33.41 12.14 -16.25
N ASN B 233 -32.98 12.01 -14.99
CA ASN B 233 -31.55 12.09 -14.62
C ASN B 233 -31.20 11.06 -13.55
N PRO B 234 -31.09 9.78 -13.95
CA PRO B 234 -30.82 8.68 -13.01
C PRO B 234 -29.36 8.58 -12.61
N GLY B 235 -29.06 7.66 -11.70
CA GLY B 235 -27.66 7.26 -11.42
C GLY B 235 -27.11 7.54 -10.03
N LEU B 236 -27.79 8.37 -9.24
CA LEU B 236 -27.36 8.68 -7.88
C LEU B 236 -27.36 7.43 -7.00
N ASP B 237 -26.19 7.03 -6.53
CA ASP B 237 -26.08 5.91 -5.62
C ASP B 237 -24.95 6.16 -4.63
N LEU B 238 -24.63 5.15 -3.83
CA LEU B 238 -23.60 5.28 -2.80
C LEU B 238 -22.25 4.79 -3.33
N THR B 239 -21.24 5.66 -3.31
CA THR B 239 -19.85 5.26 -3.63
C THR B 239 -19.03 5.17 -2.34
N CYS B 240 -18.36 4.03 -2.15
CA CYS B 240 -17.61 3.75 -0.91
C CYS B 240 -16.13 3.50 -1.17
N ARG B 241 -15.30 4.10 -0.34
CA ARG B 241 -13.89 3.75 -0.26
C ARG B 241 -13.74 2.89 0.98
N TYR B 242 -12.73 2.04 1.00
CA TYR B 242 -12.54 1.13 2.12
C TYR B 242 -11.18 1.38 2.77
N LEU B 243 -11.23 1.95 3.96
CA LEU B 243 -10.05 2.37 4.70
C LEU B 243 -9.60 1.30 5.71
N ALA B 244 -8.30 1.04 5.75
CA ALA B 244 -7.70 0.18 6.78
C ALA B 244 -7.18 1.09 7.87
N LEU B 245 -7.85 1.10 9.02
CA LEU B 245 -7.50 2.03 10.08
C LEU B 245 -6.89 1.32 11.27
N THR B 246 -5.97 2.01 11.95
CA THR B 246 -5.38 1.52 13.19
C THR B 246 -6.34 1.81 14.35
N PRO B 247 -6.17 1.12 15.48
CA PRO B 247 -7.06 1.41 16.62
C PRO B 247 -6.85 2.81 17.15
N GLY B 248 -7.89 3.39 17.73
CA GLY B 248 -7.81 4.75 18.22
C GLY B 248 -9.18 5.39 18.31
N ASN B 249 -9.19 6.68 18.62
CA ASN B 249 -10.43 7.42 18.74
C ASN B 249 -10.65 8.21 17.47
N TYR B 250 -11.83 8.05 16.89
CA TYR B 250 -12.14 8.61 15.59
C TYR B 250 -13.33 9.58 15.66
N LYS B 251 -13.38 10.47 14.68
CA LYS B 251 -14.46 11.44 14.53
C LYS B 251 -14.95 11.44 13.07
N ALA B 252 -16.22 11.11 12.88
CA ALA B 252 -16.87 11.27 11.60
C ALA B 252 -17.35 12.70 11.51
N VAL B 253 -16.80 13.45 10.57
CA VAL B 253 -17.23 14.83 10.34
C VAL B 253 -17.90 14.95 8.97
N SER B 254 -19.19 15.30 8.98
CA SER B 254 -19.97 15.57 7.76
C SER B 254 -20.13 17.06 7.54
N LEU B 255 -19.76 17.53 6.35
CA LEU B 255 -19.87 18.94 6.02
C LEU B 255 -21.13 19.26 5.22
N GLU B 256 -21.89 18.23 4.83
CA GLU B 256 -23.17 18.42 4.15
C GLU B 256 -23.95 17.10 4.10
N TYR B 257 -25.27 17.20 4.10
CA TYR B 257 -26.16 16.04 3.96
C TYR B 257 -26.07 15.12 5.19
N LEU B 258 -26.60 13.90 5.06
CA LEU B 258 -26.70 12.96 6.17
C LEU B 258 -25.35 12.46 6.67
N LEU B 259 -25.15 12.51 7.98
CA LEU B 259 -23.93 12.02 8.63
C LEU B 259 -23.84 10.50 8.49
N SER B 260 -22.66 9.99 8.14
CA SER B 260 -22.46 8.55 8.05
C SER B 260 -21.15 8.12 8.67
N LEU B 261 -21.19 6.94 9.29
CA LEU B 261 -20.05 6.38 9.97
C LEU B 261 -20.24 4.86 10.04
N PRO B 262 -19.18 4.13 10.38
CA PRO B 262 -19.33 2.69 10.28
C PRO B 262 -20.17 2.12 11.41
N SER B 263 -20.88 1.03 11.11
CA SER B 263 -21.54 0.21 12.12
C SER B 263 -20.84 -1.15 12.26
N LYS B 264 -20.20 -1.61 11.18
CA LYS B 264 -19.41 -2.85 11.18
C LYS B 264 -18.02 -2.60 10.63
N ALA B 265 -17.04 -3.40 11.06
CA ALA B 265 -15.68 -3.32 10.53
C ALA B 265 -15.10 -4.71 10.39
N ILE B 266 -14.19 -4.92 9.42
CA ILE B 266 -13.44 -6.17 9.34
C ILE B 266 -12.31 -6.06 10.33
N CYS B 267 -12.23 -7.03 11.21
CA CYS B 267 -11.27 -7.04 12.29
C CYS B 267 -10.08 -7.86 11.83
N LEU B 268 -8.94 -7.20 11.66
CA LEU B 268 -7.70 -7.86 11.27
C LEU B 268 -6.84 -8.03 12.51
N ARG B 269 -6.37 -9.26 12.74
CA ARG B 269 -5.55 -9.58 13.90
C ARG B 269 -4.45 -10.57 13.55
N LYS B 270 -3.41 -10.57 14.38
CA LYS B 270 -2.27 -11.51 14.32
C LYS B 270 -1.46 -11.37 13.03
N PRO B 271 -0.48 -10.47 13.04
CA PRO B 271 0.39 -10.28 11.85
C PRO B 271 1.13 -11.56 11.49
N LYS B 272 1.33 -11.78 10.20
CA LYS B 272 2.11 -12.91 9.74
C LYS B 272 3.09 -12.47 8.66
N SER B 273 4.16 -13.23 8.50
CA SER B 273 4.97 -13.15 7.29
C SER B 273 4.11 -13.25 6.03
N PHE B 274 4.29 -12.28 5.16
CA PHE B 274 3.53 -12.14 3.95
C PHE B 274 3.30 -13.49 3.29
N MET B 275 2.03 -13.88 3.16
CA MET B 275 1.63 -15.11 2.49
C MET B 275 0.41 -14.78 1.63
N PRO B 276 0.55 -14.87 0.30
CA PRO B 276 -0.56 -14.49 -0.59
C PRO B 276 -1.81 -15.32 -0.35
N VAL B 277 -2.97 -14.67 -0.44
CA VAL B 277 -4.24 -15.35 -0.36
C VAL B 277 -4.50 -16.05 -1.70
N GLN B 278 -5.38 -17.05 -1.68
CA GLN B 278 -5.82 -17.76 -2.89
C GLN B 278 -7.31 -17.54 -3.10
N VAL B 279 -7.69 -17.19 -4.32
CA VAL B 279 -9.07 -16.88 -4.65
C VAL B 279 -9.55 -17.71 -5.85
N VAL B 280 -10.74 -18.28 -5.72
CA VAL B 280 -11.37 -19.09 -6.77
C VAL B 280 -12.80 -18.58 -6.96
N ASP B 281 -13.31 -18.70 -8.19
CA ASP B 281 -14.77 -18.52 -8.46
C ASP B 281 -15.48 -19.86 -8.40
N SER B 290 -21.17 -13.96 -13.02
CA SER B 290 -21.81 -12.78 -13.60
C SER B 290 -20.91 -11.54 -13.63
N ASP B 291 -19.86 -11.50 -12.80
CA ASP B 291 -18.90 -10.38 -12.79
C ASP B 291 -17.46 -10.84 -12.51
N ASN B 292 -16.48 -9.96 -12.73
CA ASN B 292 -15.05 -10.27 -12.53
C ASN B 292 -14.36 -9.34 -11.53
N MET B 293 -15.16 -8.66 -10.71
CA MET B 293 -14.62 -7.73 -9.71
C MET B 293 -13.58 -8.39 -8.80
N THR B 294 -13.81 -9.64 -8.43
CA THR B 294 -12.81 -10.40 -7.64
C THR B 294 -11.51 -10.61 -8.43
N ALA B 295 -11.63 -10.82 -9.74
CA ALA B 295 -10.46 -10.94 -10.61
C ALA B 295 -9.65 -9.65 -10.65
N VAL B 296 -10.33 -8.51 -10.73
CA VAL B 296 -9.68 -7.21 -10.60
C VAL B 296 -9.08 -7.02 -9.23
N ALA B 297 -9.83 -7.38 -8.19
CA ALA B 297 -9.34 -7.29 -6.82
C ALA B 297 -8.11 -8.15 -6.55
N CYS B 298 -7.99 -9.26 -7.24
CA CYS B 298 -6.99 -10.25 -6.90
C CYS B 298 -5.74 -10.11 -7.77
N GLN B 299 -4.70 -9.50 -7.20
CA GLN B 299 -3.53 -9.12 -7.96
C GLN B 299 -2.28 -9.58 -7.27
N LEU B 300 -1.25 -9.88 -8.03
CA LEU B 300 0.08 -10.06 -7.43
C LEU B 300 0.58 -8.75 -6.85
N PRO B 301 1.33 -8.82 -5.74
CA PRO B 301 1.84 -10.04 -5.12
C PRO B 301 1.00 -10.63 -3.97
N TYR B 302 -0.16 -10.06 -3.68
CA TYR B 302 -0.88 -10.43 -2.45
C TYR B 302 -1.93 -11.51 -2.70
N CYS B 303 -2.16 -11.85 -3.96
CA CYS B 303 -3.24 -12.76 -4.27
C CYS B 303 -2.94 -13.59 -5.52
N PHE B 304 -3.41 -14.85 -5.49
CA PHE B 304 -3.32 -15.79 -6.61
C PHE B 304 -4.73 -16.12 -7.00
N PHE B 305 -5.07 -15.78 -8.23
CA PHE B 305 -6.38 -16.05 -8.75
C PHE B 305 -6.31 -17.38 -9.49
N ARG B 306 -7.34 -18.21 -9.38
CA ARG B 306 -7.38 -19.50 -10.08
C ARG B 306 -8.66 -19.65 -10.90
N ASN B 307 -8.52 -19.89 -12.22
CA ASN B 307 -9.66 -20.03 -13.14
C ASN B 307 -10.25 -21.44 -13.11
N THR B 308 -11.21 -21.72 -13.99
CA THR B 308 -11.68 -23.09 -14.23
C THR B 308 -11.54 -23.41 -15.72
N ARG B 327 -15.67 -30.26 -7.62
CA ARG B 327 -14.68 -29.59 -8.45
C ARG B 327 -13.28 -30.11 -8.15
N GLN B 328 -12.46 -30.22 -9.20
CA GLN B 328 -11.04 -30.63 -9.08
C GLN B 328 -10.14 -29.52 -8.54
N LEU B 329 -10.63 -28.28 -8.58
CA LEU B 329 -9.88 -27.13 -8.09
C LEU B 329 -9.97 -27.04 -6.56
N LEU B 330 -11.17 -27.26 -6.03
CA LEU B 330 -11.38 -27.30 -4.58
C LEU B 330 -10.85 -28.60 -3.95
N SER B 331 -10.62 -29.63 -4.76
CA SER B 331 -10.09 -30.90 -4.27
C SER B 331 -8.68 -30.76 -3.67
N GLY B 332 -7.94 -29.73 -4.10
CA GLY B 332 -6.60 -29.46 -3.60
C GLY B 332 -6.48 -29.27 -2.10
N LEU B 333 -7.59 -29.00 -1.43
CA LEU B 333 -7.61 -28.85 0.03
C LEU B 333 -7.50 -30.18 0.80
N LEU B 334 -7.55 -31.32 0.10
CA LEU B 334 -7.45 -32.64 0.76
C LEU B 334 -6.02 -32.99 1.11
N TYR B 335 -5.06 -32.35 0.44
CA TYR B 335 -3.66 -32.70 0.58
C TYR B 335 -2.74 -31.49 0.56
N ASN B 336 -1.58 -31.66 1.19
CA ASN B 336 -0.54 -30.66 1.17
C ASN B 336 0.16 -30.65 -0.16
N VAL B 337 0.72 -29.49 -0.50
CA VAL B 337 1.62 -29.37 -1.65
C VAL B 337 2.91 -28.74 -1.18
N SER B 338 3.96 -28.91 -1.95
CA SER B 338 5.27 -28.41 -1.55
C SER B 338 5.41 -26.90 -1.74
N CYS B 339 4.71 -26.36 -2.74
CA CYS B 339 4.95 -25.01 -3.20
C CYS B 339 3.72 -24.41 -3.87
N ILE B 340 3.38 -23.19 -3.45
CA ILE B 340 2.26 -22.47 -4.04
C ILE B 340 2.81 -21.24 -4.76
N ALA B 341 2.53 -21.14 -6.05
CA ALA B 341 3.15 -20.12 -6.91
C ALA B 341 2.14 -19.47 -7.85
N GLN B 342 2.61 -18.49 -8.63
CA GLN B 342 1.75 -17.81 -9.59
C GLN B 342 1.14 -18.78 -10.62
N GLN B 343 1.93 -19.77 -11.06
CA GLN B 343 1.45 -20.69 -12.10
C GLN B 343 0.46 -21.70 -11.55
N GLY B 344 0.50 -21.93 -10.24
CA GLY B 344 -0.34 -22.91 -9.59
C GLY B 344 0.41 -23.58 -8.46
N ALA B 345 -0.08 -24.73 -8.01
CA ALA B 345 0.53 -25.47 -6.92
C ALA B 345 1.47 -26.51 -7.48
N PHE B 346 2.71 -26.54 -6.97
CA PHE B 346 3.65 -27.61 -7.29
C PHE B 346 3.63 -28.65 -6.18
N VAL B 347 3.20 -29.87 -6.51
CA VAL B 347 3.03 -30.91 -5.50
C VAL B 347 4.38 -31.28 -4.87
N TYR B 348 5.40 -31.42 -5.70
CA TYR B 348 6.69 -31.93 -5.25
C TYR B 348 7.72 -30.84 -5.17
N ASN B 349 8.66 -31.01 -4.27
CA ASN B 349 9.55 -29.94 -3.92
C ASN B 349 10.93 -30.03 -4.58
N ASN B 350 11.12 -30.98 -5.49
CA ASN B 350 12.48 -31.21 -6.00
C ASN B 350 12.75 -30.63 -7.39
N VAL B 351 12.10 -31.16 -8.42
CA VAL B 351 12.31 -30.73 -9.79
C VAL B 351 11.00 -30.57 -10.52
N SER B 352 11.06 -29.81 -11.62
CA SER B 352 9.91 -29.47 -12.46
C SER B 352 10.40 -28.97 -13.83
N SER B 353 9.48 -28.85 -14.78
CA SER B 353 9.81 -28.27 -16.09
C SER B 353 9.60 -26.75 -16.14
N SER B 354 8.88 -26.21 -15.15
CA SER B 354 8.69 -24.77 -15.02
C SER B 354 9.45 -24.22 -13.82
N TRP B 355 9.92 -22.97 -13.93
CA TRP B 355 10.50 -22.27 -12.80
C TRP B 355 9.38 -21.62 -12.05
N PRO B 356 9.14 -22.03 -10.79
CA PRO B 356 8.11 -21.35 -10.02
C PRO B 356 8.34 -19.82 -9.98
N ALA B 357 7.28 -19.03 -10.10
CA ALA B 357 7.38 -17.57 -9.91
C ALA B 357 6.46 -17.18 -8.76
N TYR B 358 6.94 -16.31 -7.89
CA TYR B 358 6.23 -15.96 -6.66
C TYR B 358 5.91 -17.25 -5.88
N GLY B 359 6.89 -18.11 -5.77
CA GLY B 359 6.75 -19.37 -5.04
C GLY B 359 6.81 -19.17 -3.54
N TYR B 360 5.99 -19.96 -2.83
CA TYR B 360 5.90 -20.00 -1.39
C TYR B 360 5.93 -21.45 -0.93
N GLY B 361 6.82 -21.78 -0.01
CA GLY B 361 6.96 -23.13 0.50
C GLY B 361 8.31 -23.71 0.20
N HIS B 362 8.35 -24.95 -0.26
CA HIS B 362 9.61 -25.56 -0.68
C HIS B 362 9.50 -25.84 -2.17
N CYS B 363 10.18 -25.02 -2.96
CA CYS B 363 9.87 -24.89 -4.37
C CYS B 363 10.91 -25.63 -5.22
N PRO B 364 10.44 -26.40 -6.23
CA PRO B 364 11.36 -27.16 -7.07
C PRO B 364 12.11 -26.25 -8.04
N THR B 365 13.33 -26.67 -8.39
CA THR B 365 14.13 -26.07 -9.44
C THR B 365 13.75 -26.68 -10.78
N ALA B 366 14.03 -25.93 -11.85
CA ALA B 366 13.87 -26.42 -13.21
C ALA B 366 15.23 -26.53 -13.89
N ALA B 367 16.31 -26.55 -13.10
CA ALA B 367 17.63 -26.83 -13.61
C ALA B 367 17.70 -28.25 -14.21
N ASN B 368 18.79 -28.52 -14.92
CA ASN B 368 19.04 -29.84 -15.50
C ASN B 368 19.72 -30.75 -14.46
N ILE B 369 18.94 -31.66 -13.88
CA ILE B 369 19.41 -32.55 -12.81
C ILE B 369 18.89 -33.99 -13.02
N GLY B 370 19.78 -34.97 -12.92
CA GLY B 370 19.39 -36.38 -12.96
C GLY B 370 19.68 -37.09 -11.64
N TYR B 371 19.75 -38.41 -11.69
CA TYR B 371 19.93 -39.22 -10.48
C TYR B 371 21.41 -39.48 -10.22
N MET B 372 21.76 -39.65 -8.94
CA MET B 372 23.16 -39.68 -8.51
C MET B 372 23.86 -41.03 -8.68
N ALA B 373 23.11 -42.09 -8.99
CA ALA B 373 23.69 -43.43 -9.09
C ALA B 373 24.54 -43.57 -10.35
N PRO B 374 25.77 -44.11 -10.22
CA PRO B 374 26.64 -44.35 -11.39
C PRO B 374 26.01 -45.24 -12.47
N VAL B 375 25.10 -46.12 -12.06
CA VAL B 375 24.37 -47.01 -12.96
C VAL B 375 23.47 -46.23 -13.94
N CYS B 376 23.02 -45.05 -13.53
CA CYS B 376 22.14 -44.23 -14.38
C CYS B 376 22.90 -43.59 -15.53
N ILE B 377 22.22 -43.49 -16.68
CA ILE B 377 22.78 -42.86 -17.88
C ILE B 377 21.82 -41.74 -18.31
N TYR B 378 20.68 -42.12 -18.89
CA TYR B 378 19.63 -41.13 -19.21
C TYR B 378 19.11 -40.58 -17.90
N ASP B 379 19.10 -39.25 -17.78
CA ASP B 379 18.83 -38.55 -16.51
C ASP B 379 19.76 -39.03 -15.40
N SER B 380 20.98 -38.52 -15.36
CA SER B 380 21.96 -38.97 -14.36
C SER B 380 22.90 -37.89 -13.80
N ASP B 381 22.58 -36.62 -14.02
CA ASP B 381 23.36 -35.51 -13.47
C ASP B 381 24.80 -35.51 -14.00
#